data_7TTY
#
_entry.id   7TTY
#
_cell.length_a   51.311
_cell.length_b   69.546
_cell.length_c   95.215
_cell.angle_alpha   90.000
_cell.angle_beta   105.631
_cell.angle_gamma   90.000
#
_symmetry.space_group_name_H-M   'P 1 21 1'
#
loop_
_entity.id
_entity.type
_entity.pdbx_description
1 polymer 'Spike protein S1'
2 polymer '1040 heavy chain'
3 polymer '1040 light chain'
4 branched 2-acetamido-2-deoxy-beta-D-glucopyranose-(1-4)-2-acetamido-2-deoxy-beta-D-glucopyranose
#
loop_
_entity_poly.entity_id
_entity_poly.type
_entity_poly.pdbx_seq_one_letter_code
_entity_poly.pdbx_strand_id
1 'polypeptide(L)'
;NLCPFGEVFNATTFPSVYAWERKRISNCVADYSVLYNSTSFSTFKCYGVSATKLNDLCFSNVYADSFVVKGDDVRQIAPG
QTGVIADYNYKLPDDFTGCVLAWNTRNIDATQTGNYNYKYRSLRHGKLRPFERDISNVPFSPDGKPCTPPAFNCYWPLND
YGFYITNGIGYQPYRVVVLSFELLNAPATVCGPKK
;
A
2 'polypeptide(L)'
;QLQLQESGPGLVKPSETLSLTCTVSGGSISSSNFYWGWIRQPPGKGLEWIASITYSGRTFYNPSLKSRVAISVDTSKNQF
SLKLSSVTAADTAVYYCARTFPSYYDRSGYHYLNYGMDVWGQGTTVTVSSASTKGPSVFPLAPSS(UNK)(UNK)(UNK)
SGGTAALGCLVKDYFPEPVTVSWNSGALTSGVHTFPAVLQSSGLYSLSSVVTVPSSSLGTQTYICNVNHKPSNTKVDKKV
EPKSC
;
H
3 'polypeptide(L)'
;NFMLTQPHSMSESPGKTVTISCTRSSGSIASNYVQWYQQRPGSSPTTVIYEDNQRPSGVPDRFSGSIDSSSNSASLTISG
LKTEDEADYYCQSYDSSSWVFGGGTKLTVLGQPKANPTVTLFPPSSEELQANKATLVCLISDFYPGAVTVAWKADGSPVK
AGVETTKPSKQSNNKYAASSYLSLTPEQWKSHRSYSCQVTHEGSTVEKTVAPT
;
L
#
# COMPACT_ATOMS: atom_id res chain seq x y z
N ASN A 1 -21.62 -26.13 -37.17
CA ASN A 1 -22.98 -25.60 -37.27
C ASN A 1 -22.97 -24.07 -36.96
N LEU A 2 -23.70 -23.56 -35.95
CA LEU A 2 -23.67 -22.18 -35.48
C LEU A 2 -23.38 -22.18 -33.98
N CYS A 3 -22.66 -21.05 -33.51
CA CYS A 3 -22.16 -21.01 -32.13
C CYS A 3 -23.20 -20.38 -31.20
N PRO A 4 -23.51 -21.00 -29.99
CA PRO A 4 -24.63 -20.50 -29.18
C PRO A 4 -24.21 -19.47 -28.11
N PHE A 5 -23.96 -18.22 -28.57
CA PHE A 5 -23.74 -17.10 -27.67
C PHE A 5 -25.04 -16.59 -27.02
N GLY A 6 -26.03 -16.19 -27.84
CA GLY A 6 -27.36 -15.77 -27.35
C GLY A 6 -28.10 -16.71 -26.41
N GLU A 7 -27.82 -18.00 -26.51
CA GLU A 7 -28.28 -19.09 -25.67
C GLU A 7 -27.51 -19.22 -24.35
N VAL A 8 -26.52 -18.36 -24.10
CA VAL A 8 -26.01 -18.07 -22.76
C VAL A 8 -26.50 -16.70 -22.28
N PHE A 9 -26.65 -15.73 -23.19
CA PHE A 9 -26.82 -14.31 -22.86
C PHE A 9 -28.26 -13.98 -22.51
N ASN A 10 -29.21 -14.42 -23.35
CA ASN A 10 -30.62 -14.08 -23.24
C ASN A 10 -31.44 -15.12 -22.43
N ALA A 11 -30.78 -16.04 -21.71
CA ALA A 11 -31.49 -17.02 -20.90
C ALA A 11 -32.14 -16.34 -19.68
N THR A 12 -33.29 -16.89 -19.26
CA THR A 12 -34.24 -16.17 -18.40
C THR A 12 -34.08 -16.45 -16.90
N THR A 13 -33.25 -17.41 -16.51
CA THR A 13 -32.67 -17.49 -15.17
C THR A 13 -31.19 -17.73 -15.39
N PHE A 14 -30.30 -16.95 -14.72
CA PHE A 14 -28.88 -17.27 -14.59
C PHE A 14 -28.57 -18.06 -13.30
N PRO A 15 -27.31 -18.59 -13.13
CA PRO A 15 -26.84 -19.01 -11.83
C PRO A 15 -26.49 -17.85 -10.90
N SER A 16 -26.03 -18.24 -9.71
CA SER A 16 -25.31 -17.41 -8.77
C SER A 16 -23.82 -17.50 -9.04
N VAL A 17 -23.04 -16.71 -8.29
CA VAL A 17 -21.59 -16.75 -8.39
C VAL A 17 -20.99 -17.88 -7.54
N TYR A 18 -21.76 -18.44 -6.57
CA TYR A 18 -21.28 -19.62 -5.84
C TYR A 18 -21.32 -20.88 -6.70
N ALA A 19 -22.32 -21.01 -7.58
CA ALA A 19 -22.57 -22.19 -8.41
C ALA A 19 -22.76 -21.75 -9.85
N TRP A 20 -21.81 -20.95 -10.32
CA TRP A 20 -21.79 -20.53 -11.72
C TRP A 20 -21.58 -21.73 -12.62
N GLU A 21 -22.02 -21.57 -13.86
CA GLU A 21 -22.16 -22.63 -14.84
C GLU A 21 -21.26 -22.30 -16.01
N ARG A 22 -20.93 -23.32 -16.81
CA ARG A 22 -20.13 -23.19 -18.03
C ARG A 22 -20.81 -23.97 -19.15
N LYS A 23 -20.80 -23.36 -20.35
CA LYS A 23 -21.32 -23.95 -21.59
C LYS A 23 -20.19 -23.94 -22.61
N ARG A 24 -19.66 -25.14 -22.92
CA ARG A 24 -18.61 -25.28 -23.94
C ARG A 24 -19.19 -24.90 -25.30
N ILE A 25 -18.41 -24.16 -26.08
CA ILE A 25 -18.81 -23.62 -27.39
C ILE A 25 -17.74 -24.12 -28.37
N SER A 26 -18.16 -24.99 -29.31
CA SER A 26 -17.24 -25.88 -30.02
C SER A 26 -17.81 -26.30 -31.37
N ASN A 27 -16.90 -26.50 -32.35
CA ASN A 27 -17.19 -26.89 -33.75
C ASN A 27 -18.34 -26.05 -34.38
N CYS A 28 -18.04 -24.77 -34.53
CA CYS A 28 -19.02 -23.79 -34.96
C CYS A 28 -18.31 -22.52 -35.42
N VAL A 29 -19.11 -21.54 -35.87
CA VAL A 29 -18.67 -20.22 -36.32
C VAL A 29 -19.32 -19.19 -35.40
N ALA A 30 -18.51 -18.27 -34.86
CA ALA A 30 -18.92 -17.32 -33.82
C ALA A 30 -18.86 -15.89 -34.34
N ASP A 31 -19.95 -15.14 -34.20
CA ASP A 31 -20.08 -13.78 -34.72
C ASP A 31 -19.90 -12.78 -33.57
N TYR A 32 -19.29 -11.61 -33.88
CA TYR A 32 -18.87 -10.63 -32.88
C TYR A 32 -19.35 -9.18 -33.15
N SER A 33 -20.26 -8.94 -34.10
CA SER A 33 -20.89 -7.62 -34.18
C SER A 33 -21.87 -7.45 -33.03
N VAL A 34 -22.69 -8.47 -32.80
CA VAL A 34 -23.56 -8.68 -31.64
C VAL A 34 -22.95 -8.46 -30.23
N LEU A 35 -21.64 -8.54 -30.11
CA LEU A 35 -20.83 -8.32 -28.92
C LEU A 35 -20.10 -6.97 -28.96
N TYR A 36 -19.65 -6.56 -30.15
CA TYR A 36 -19.09 -5.22 -30.32
C TYR A 36 -20.10 -4.14 -30.03
N ASN A 37 -21.20 -4.02 -30.83
CA ASN A 37 -22.21 -2.98 -30.62
C ASN A 37 -23.53 -3.59 -30.14
N SER A 38 -23.47 -4.25 -28.98
CA SER A 38 -24.53 -4.18 -27.99
C SER A 38 -24.09 -3.19 -26.93
N THR A 39 -24.84 -2.13 -26.82
CA THR A 39 -24.55 -0.96 -26.02
C THR A 39 -25.27 -0.93 -24.67
N SER A 40 -26.02 -1.98 -24.32
CA SER A 40 -26.44 -2.22 -22.94
C SER A 40 -25.30 -2.65 -22.03
N PHE A 41 -24.14 -3.05 -22.56
CA PHE A 41 -23.06 -3.61 -21.74
C PHE A 41 -22.41 -2.47 -20.95
N SER A 42 -22.70 -2.40 -19.65
CA SER A 42 -22.13 -1.36 -18.81
C SER A 42 -20.67 -1.60 -18.43
N THR A 43 -20.18 -2.82 -18.57
CA THR A 43 -18.75 -3.12 -18.47
C THR A 43 -18.47 -4.20 -19.51
N PHE A 44 -17.55 -3.93 -20.44
CA PHE A 44 -17.19 -4.86 -21.50
C PHE A 44 -15.74 -4.57 -21.88
N LYS A 45 -14.83 -5.41 -21.34
CA LYS A 45 -13.39 -5.23 -21.43
C LYS A 45 -12.76 -6.58 -21.77
N CYS A 46 -11.79 -6.57 -22.70
CA CYS A 46 -11.14 -7.78 -23.24
C CYS A 46 -9.63 -7.71 -23.10
N TYR A 47 -9.07 -8.73 -22.43
CA TYR A 47 -7.69 -8.72 -21.95
C TYR A 47 -6.82 -9.53 -22.90
N GLY A 48 -5.83 -8.86 -23.52
CA GLY A 48 -4.89 -9.51 -24.42
C GLY A 48 -5.33 -9.67 -25.86
N VAL A 49 -6.62 -9.52 -26.14
CA VAL A 49 -7.23 -9.78 -27.45
C VAL A 49 -8.25 -8.66 -27.69
N SER A 50 -8.27 -8.12 -28.89
CA SER A 50 -9.06 -6.92 -29.17
C SER A 50 -10.43 -7.36 -29.63
N ALA A 51 -11.48 -6.75 -29.01
CA ALA A 51 -12.86 -7.13 -29.32
C ALA A 51 -13.22 -6.83 -30.78
N THR A 52 -12.69 -5.73 -31.31
CA THR A 52 -12.86 -5.37 -32.71
C THR A 52 -11.96 -6.14 -33.67
N LYS A 53 -11.01 -6.94 -33.18
CA LYS A 53 -10.28 -7.91 -34.00
C LYS A 53 -10.50 -9.36 -33.54
N LEU A 54 -11.61 -9.65 -32.83
CA LEU A 54 -12.09 -11.01 -32.66
C LEU A 54 -12.78 -11.59 -33.87
N ASN A 55 -13.33 -10.73 -34.75
CA ASN A 55 -13.90 -11.21 -36.01
C ASN A 55 -12.86 -11.92 -36.87
N ASP A 56 -11.61 -11.45 -36.83
CA ASP A 56 -10.53 -11.86 -37.72
C ASP A 56 -9.59 -12.88 -37.07
N LEU A 57 -10.10 -13.85 -36.29
CA LEU A 57 -9.26 -14.74 -35.49
C LEU A 57 -9.87 -16.11 -35.28
N CYS A 58 -8.98 -17.11 -35.07
CA CYS A 58 -9.29 -18.46 -34.60
C CYS A 58 -8.80 -18.76 -33.21
N PHE A 59 -9.55 -19.65 -32.55
CA PHE A 59 -9.37 -20.11 -31.18
C PHE A 59 -9.68 -21.61 -31.16
N SER A 60 -9.05 -22.33 -30.24
CA SER A 60 -9.33 -23.77 -30.11
C SER A 60 -10.73 -23.99 -29.54
N ASN A 61 -11.11 -23.22 -28.52
CA ASN A 61 -12.46 -23.24 -27.97
C ASN A 61 -12.80 -21.86 -27.41
N VAL A 62 -14.10 -21.68 -27.14
CA VAL A 62 -14.64 -20.56 -26.39
C VAL A 62 -15.39 -21.21 -25.23
N TYR A 63 -15.19 -20.69 -24.02
CA TYR A 63 -15.94 -21.11 -22.83
C TYR A 63 -16.67 -19.90 -22.27
N ALA A 64 -18.00 -19.96 -22.28
CA ALA A 64 -18.85 -18.96 -21.67
C ALA A 64 -19.02 -19.32 -20.20
N ASP A 65 -18.95 -18.32 -19.34
CA ASP A 65 -19.04 -18.46 -17.89
C ASP A 65 -19.96 -17.35 -17.42
N SER A 66 -21.04 -17.69 -16.72
CA SER A 66 -22.15 -16.77 -16.49
C SER A 66 -22.75 -16.94 -15.09
N PHE A 67 -23.09 -15.81 -14.48
CA PHE A 67 -23.55 -15.71 -13.10
C PHE A 67 -24.17 -14.32 -12.93
N VAL A 68 -24.71 -14.05 -11.73
CA VAL A 68 -25.14 -12.73 -11.30
C VAL A 68 -24.36 -12.39 -10.04
N VAL A 69 -23.66 -11.26 -10.08
CA VAL A 69 -23.20 -10.54 -8.90
C VAL A 69 -24.01 -9.24 -8.82
N LYS A 70 -23.85 -8.53 -7.71
CA LYS A 70 -24.40 -7.19 -7.59
C LYS A 70 -23.52 -6.19 -8.35
N GLY A 71 -24.12 -5.03 -8.66
CA GLY A 71 -23.49 -4.04 -9.53
C GLY A 71 -22.23 -3.40 -8.97
N ASP A 72 -22.09 -3.36 -7.64
CA ASP A 72 -20.81 -2.97 -7.03
C ASP A 72 -19.73 -4.02 -7.27
N ASP A 73 -20.10 -5.30 -7.28
CA ASP A 73 -19.18 -6.44 -7.29
C ASP A 73 -18.69 -6.84 -8.69
N VAL A 74 -18.92 -6.03 -9.70
CA VAL A 74 -18.70 -6.46 -11.10
C VAL A 74 -17.23 -6.35 -11.45
N ARG A 75 -16.58 -5.28 -10.99
CA ARG A 75 -15.14 -5.05 -11.14
C ARG A 75 -14.24 -6.05 -10.40
N GLN A 76 -14.79 -6.91 -9.53
CA GLN A 76 -14.07 -8.06 -8.99
C GLN A 76 -13.74 -9.15 -10.01
N ILE A 77 -14.29 -9.09 -11.21
CA ILE A 77 -14.04 -10.06 -12.29
C ILE A 77 -13.05 -9.34 -13.19
N ALA A 78 -11.82 -9.24 -12.69
CA ALA A 78 -10.66 -8.66 -13.35
C ALA A 78 -9.47 -9.56 -13.06
N PRO A 79 -8.44 -9.61 -13.96
CA PRO A 79 -7.20 -10.29 -13.54
C PRO A 79 -6.51 -9.61 -12.36
N GLY A 80 -6.53 -10.29 -11.21
CA GLY A 80 -5.71 -9.87 -10.09
C GLY A 80 -6.32 -8.86 -9.14
N GLN A 81 -7.64 -8.84 -9.00
CA GLN A 81 -8.35 -8.17 -7.92
C GLN A 81 -8.70 -9.26 -6.88
N THR A 82 -8.84 -8.82 -5.60
CA THR A 82 -9.25 -9.64 -4.47
C THR A 82 -10.62 -9.15 -3.94
N GLY A 83 -11.04 -9.65 -2.77
CA GLY A 83 -12.40 -9.64 -2.32
C GLY A 83 -13.09 -10.94 -2.68
N VAL A 84 -14.22 -11.19 -2.01
CA VAL A 84 -14.82 -12.53 -1.94
C VAL A 84 -15.32 -13.05 -3.28
N ILE A 85 -15.63 -12.17 -4.19
CA ILE A 85 -16.13 -12.54 -5.51
C ILE A 85 -14.96 -13.03 -6.34
N ALA A 86 -13.79 -12.41 -6.17
CA ALA A 86 -12.55 -12.93 -6.72
C ALA A 86 -11.99 -14.06 -5.87
N ASP A 87 -11.98 -13.90 -4.55
CA ASP A 87 -11.19 -14.77 -3.68
C ASP A 87 -11.82 -16.14 -3.50
N TYR A 88 -13.16 -16.20 -3.38
CA TYR A 88 -13.91 -17.37 -2.93
C TYR A 88 -14.93 -17.90 -3.93
N ASN A 89 -15.09 -17.26 -5.11
CA ASN A 89 -16.21 -17.52 -6.03
C ASN A 89 -15.80 -17.66 -7.50
N TYR A 90 -15.34 -16.55 -8.14
CA TYR A 90 -14.90 -16.55 -9.55
C TYR A 90 -13.57 -15.81 -9.65
N LYS A 91 -12.49 -16.54 -9.37
CA LYS A 91 -11.13 -16.06 -9.55
C LYS A 91 -10.77 -16.17 -11.03
N LEU A 92 -10.68 -15.02 -11.71
CA LEU A 92 -10.06 -14.99 -13.04
C LEU A 92 -8.56 -15.23 -12.91
N PRO A 93 -7.93 -15.95 -13.86
CA PRO A 93 -6.47 -16.08 -13.80
C PRO A 93 -5.79 -14.82 -14.33
N ASP A 94 -4.51 -14.72 -14.01
CA ASP A 94 -3.73 -13.55 -14.42
C ASP A 94 -3.47 -13.58 -15.93
N ASP A 95 -3.19 -14.76 -16.50
CA ASP A 95 -2.95 -14.95 -17.94
C ASP A 95 -4.24 -15.34 -18.66
N PHE A 96 -5.27 -14.50 -18.51
CA PHE A 96 -6.61 -14.70 -19.06
C PHE A 96 -6.70 -14.01 -20.42
N THR A 97 -6.77 -14.80 -21.50
CA THR A 97 -7.10 -14.31 -22.84
C THR A 97 -8.61 -14.46 -22.99
N GLY A 98 -9.33 -13.35 -23.01
CA GLY A 98 -10.77 -13.45 -22.99
C GLY A 98 -11.45 -12.11 -23.00
N CYS A 99 -12.73 -12.13 -22.63
CA CYS A 99 -13.52 -10.93 -22.38
C CYS A 99 -14.34 -11.12 -21.12
N VAL A 100 -14.54 -10.01 -20.41
CA VAL A 100 -15.45 -9.92 -19.28
C VAL A 100 -16.52 -8.93 -19.69
N LEU A 101 -17.76 -9.36 -19.60
CA LEU A 101 -18.95 -8.61 -19.97
C LEU A 101 -19.87 -8.55 -18.78
N ALA A 102 -20.64 -7.48 -18.71
CA ALA A 102 -21.74 -7.37 -17.78
C ALA A 102 -22.79 -6.47 -18.41
N TRP A 103 -24.01 -6.51 -17.89
CA TRP A 103 -24.99 -5.48 -18.23
C TRP A 103 -25.98 -5.34 -17.09
N ASN A 104 -26.60 -4.16 -17.01
CA ASN A 104 -27.57 -3.90 -15.95
C ASN A 104 -28.83 -4.70 -16.22
N THR A 105 -29.24 -5.49 -15.21
CA THR A 105 -30.44 -6.32 -15.25
C THR A 105 -31.35 -6.05 -14.05
N ARG A 106 -31.37 -4.80 -13.58
CA ARG A 106 -32.34 -4.34 -12.58
C ARG A 106 -33.78 -4.51 -13.04
N ASN A 107 -34.03 -4.36 -14.34
CA ASN A 107 -35.38 -4.48 -14.86
C ASN A 107 -35.88 -5.92 -14.85
N ILE A 108 -34.99 -6.92 -15.03
CA ILE A 108 -35.38 -8.31 -15.22
C ILE A 108 -35.14 -9.20 -14.00
N ASP A 109 -34.08 -8.91 -13.18
CA ASP A 109 -33.69 -9.73 -12.03
C ASP A 109 -33.87 -9.04 -10.68
N ALA A 110 -34.74 -8.03 -10.56
CA ALA A 110 -34.97 -7.34 -9.30
C ALA A 110 -36.44 -6.96 -9.18
N THR A 111 -37.07 -7.46 -8.10
CA THR A 111 -38.50 -7.27 -7.87
C THR A 111 -38.55 -6.20 -6.74
N GLN A 112 -39.70 -5.53 -6.59
CA GLN A 112 -39.97 -4.77 -5.37
C GLN A 112 -39.91 -5.63 -4.12
N THR A 113 -40.41 -6.86 -4.24
CA THR A 113 -40.76 -7.71 -3.12
C THR A 113 -39.52 -8.21 -2.39
N GLY A 114 -38.47 -8.57 -3.15
CA GLY A 114 -37.20 -9.04 -2.64
C GLY A 114 -36.76 -10.29 -3.37
N ASN A 115 -35.89 -10.14 -4.37
CA ASN A 115 -35.29 -11.27 -5.08
C ASN A 115 -34.09 -11.75 -4.27
N TYR A 116 -34.22 -12.95 -3.68
CA TYR A 116 -33.18 -13.59 -2.89
C TYR A 116 -32.64 -14.86 -3.56
N ASN A 117 -32.85 -15.02 -4.87
CA ASN A 117 -32.41 -16.23 -5.57
C ASN A 117 -30.90 -16.26 -5.74
N TYR A 118 -30.29 -15.10 -5.99
CA TYR A 118 -28.89 -14.98 -6.38
C TYR A 118 -28.02 -14.77 -5.14
N LYS A 119 -26.89 -15.49 -5.12
CA LYS A 119 -26.17 -15.83 -3.90
C LYS A 119 -24.69 -15.58 -4.12
N TYR A 120 -23.94 -15.55 -3.01
CA TYR A 120 -22.49 -15.31 -3.03
C TYR A 120 -21.85 -15.94 -1.80
N ARG A 121 -20.74 -16.68 -2.00
CA ARG A 121 -20.00 -17.20 -0.84
C ARG A 121 -19.12 -16.04 -0.39
N SER A 122 -19.38 -15.57 0.82
CA SER A 122 -18.56 -14.59 1.52
C SER A 122 -17.52 -15.18 2.47
N LEU A 123 -17.49 -16.51 2.68
CA LEU A 123 -16.73 -17.12 3.76
C LEU A 123 -16.27 -18.51 3.33
N ARG A 124 -14.95 -18.70 3.23
CA ARG A 124 -14.32 -19.93 2.76
C ARG A 124 -13.05 -20.17 3.56
N HIS A 125 -12.49 -21.37 3.40
CA HIS A 125 -11.43 -21.91 4.25
C HIS A 125 -10.05 -21.47 3.79
N GLY A 126 -9.72 -21.74 2.51
CA GLY A 126 -8.62 -21.09 1.82
C GLY A 126 -9.19 -20.35 0.61
N LYS A 127 -8.33 -19.54 -0.01
CA LYS A 127 -8.72 -18.84 -1.23
C LYS A 127 -8.82 -19.80 -2.40
N LEU A 128 -9.52 -19.34 -3.45
CA LEU A 128 -9.87 -20.14 -4.61
C LEU A 128 -8.81 -19.96 -5.71
N ARG A 129 -8.23 -21.07 -6.15
CA ARG A 129 -7.39 -21.11 -7.34
C ARG A 129 -8.24 -20.78 -8.59
N PRO A 130 -7.65 -20.22 -9.69
CA PRO A 130 -8.48 -19.88 -10.86
C PRO A 130 -9.17 -21.03 -11.58
N PHE A 131 -10.33 -20.70 -12.17
CA PHE A 131 -11.24 -21.60 -12.88
C PHE A 131 -11.57 -22.83 -12.03
N GLU A 132 -11.95 -22.57 -10.78
CA GLU A 132 -12.37 -23.59 -9.84
C GLU A 132 -13.59 -23.05 -9.11
N ARG A 133 -14.31 -23.97 -8.48
CA ARG A 133 -15.64 -23.73 -7.93
C ARG A 133 -15.79 -24.56 -6.68
N ASP A 134 -16.59 -24.04 -5.74
CA ASP A 134 -17.14 -24.83 -4.63
C ASP A 134 -18.66 -24.63 -4.64
N ILE A 135 -19.35 -25.63 -5.19
CA ILE A 135 -20.81 -25.69 -5.11
C ILE A 135 -21.33 -26.09 -3.73
N SER A 136 -20.50 -26.73 -2.91
CA SER A 136 -20.98 -27.29 -1.65
C SER A 136 -21.31 -26.16 -0.70
N ASN A 137 -22.37 -26.37 0.09
CA ASN A 137 -22.77 -25.50 1.19
C ASN A 137 -22.56 -26.21 2.53
N VAL A 138 -21.46 -26.94 2.65
CA VAL A 138 -21.09 -27.58 3.92
C VAL A 138 -20.71 -26.50 4.93
N PRO A 139 -21.32 -26.42 6.12
CA PRO A 139 -21.46 -25.08 6.72
C PRO A 139 -20.21 -24.63 7.46
N PHE A 140 -19.78 -23.40 7.17
CA PHE A 140 -18.36 -23.05 7.31
C PHE A 140 -18.02 -22.75 8.76
N SER A 141 -17.38 -23.74 9.38
CA SER A 141 -16.74 -23.60 10.68
C SER A 141 -15.69 -22.48 10.66
N PRO A 142 -15.38 -21.77 11.83
CA PRO A 142 -14.24 -20.81 11.80
C PRO A 142 -12.83 -21.43 11.81
N ASP A 143 -12.53 -22.09 10.68
CA ASP A 143 -11.27 -22.66 10.18
C ASP A 143 -10.74 -23.91 10.86
N GLY A 144 -10.98 -24.06 12.17
CA GLY A 144 -10.69 -25.27 12.91
C GLY A 144 -11.72 -25.66 13.96
N LYS A 145 -12.50 -24.69 14.46
CA LYS A 145 -13.44 -24.86 15.54
C LYS A 145 -14.71 -25.43 14.89
N PRO A 146 -14.99 -26.73 14.97
CA PRO A 146 -15.84 -27.37 13.96
C PRO A 146 -17.33 -27.03 14.11
N CYS A 147 -18.08 -27.34 13.05
CA CYS A 147 -19.40 -26.72 12.86
C CYS A 147 -20.50 -27.39 13.68
N THR A 148 -20.85 -28.58 13.28
CA THR A 148 -21.97 -29.41 13.69
C THR A 148 -21.89 -30.02 15.09
N PRO A 149 -20.75 -30.06 15.82
CA PRO A 149 -20.89 -30.13 17.28
C PRO A 149 -21.72 -28.96 17.78
N PRO A 150 -22.60 -29.15 18.79
CA PRO A 150 -24.02 -28.78 18.63
C PRO A 150 -24.30 -27.29 18.40
N ALA A 151 -24.07 -26.90 17.14
CA ALA A 151 -24.28 -25.54 16.63
C ALA A 151 -23.46 -24.50 17.39
N PHE A 152 -22.23 -24.87 17.75
CA PHE A 152 -21.31 -23.97 18.44
C PHE A 152 -20.94 -22.78 17.58
N ASN A 153 -20.18 -23.01 16.50
CA ASN A 153 -19.83 -21.95 15.56
C ASN A 153 -19.63 -22.55 14.18
N CYS A 154 -20.58 -22.27 13.31
CA CYS A 154 -20.33 -22.18 11.88
C CYS A 154 -21.22 -21.12 11.25
N TYR A 155 -20.56 -20.03 10.84
CA TYR A 155 -21.15 -19.00 10.02
C TYR A 155 -21.24 -19.60 8.62
N TRP A 156 -22.46 -19.96 8.19
CA TRP A 156 -22.80 -20.45 6.84
C TRP A 156 -22.11 -19.74 5.65
N PRO A 157 -21.54 -20.49 4.66
CA PRO A 157 -20.57 -19.87 3.73
C PRO A 157 -21.22 -18.91 2.77
N LEU A 158 -22.36 -19.33 2.23
CA LEU A 158 -23.16 -18.51 1.37
C LEU A 158 -23.87 -17.46 2.20
N ASN A 159 -23.82 -16.21 1.72
CA ASN A 159 -24.83 -15.20 1.97
C ASN A 159 -25.55 -15.00 0.67
N ASP A 160 -26.60 -14.15 0.67
CA ASP A 160 -27.37 -13.91 -0.54
C ASP A 160 -27.75 -12.45 -0.75
N TYR A 161 -27.75 -12.06 -2.03
CA TYR A 161 -28.17 -10.74 -2.47
C TYR A 161 -29.67 -10.65 -2.31
N GLY A 162 -30.13 -9.67 -1.53
CA GLY A 162 -31.49 -9.20 -1.64
C GLY A 162 -31.48 -8.09 -2.66
N PHE A 163 -32.01 -8.34 -3.86
CA PHE A 163 -32.03 -7.40 -4.97
C PHE A 163 -33.37 -6.72 -5.03
N TYR A 164 -33.33 -5.40 -5.31
CA TYR A 164 -34.50 -4.53 -5.29
C TYR A 164 -34.46 -3.64 -6.50
N ILE A 165 -35.65 -3.44 -7.07
CA ILE A 165 -35.87 -2.39 -8.07
C ILE A 165 -35.79 -0.96 -7.52
N THR A 166 -35.75 -0.79 -6.18
CA THR A 166 -35.75 0.48 -5.45
C THR A 166 -34.48 0.68 -4.61
N ASN A 167 -33.35 0.07 -5.00
CA ASN A 167 -32.01 0.45 -4.56
C ASN A 167 -31.33 1.29 -5.64
N GLY A 168 -30.21 1.93 -5.27
CA GLY A 168 -29.22 2.37 -6.21
C GLY A 168 -28.31 1.25 -6.69
N ILE A 169 -27.33 1.66 -7.51
CA ILE A 169 -26.56 0.74 -8.34
C ILE A 169 -25.62 -0.20 -7.58
N GLY A 170 -25.35 0.07 -6.30
CA GLY A 170 -24.49 -0.85 -5.55
C GLY A 170 -25.11 -2.21 -5.33
N TYR A 171 -26.45 -2.26 -5.13
CA TYR A 171 -27.19 -3.46 -4.76
C TYR A 171 -28.16 -3.89 -5.85
N GLN A 172 -27.76 -3.67 -7.16
CA GLN A 172 -28.57 -3.95 -8.36
C GLN A 172 -28.01 -5.15 -9.11
N PRO A 173 -28.85 -6.06 -9.66
CA PRO A 173 -28.29 -7.26 -10.29
C PRO A 173 -27.66 -6.94 -11.62
N TYR A 174 -26.43 -7.44 -11.81
CA TYR A 174 -25.74 -7.45 -13.08
C TYR A 174 -25.48 -8.90 -13.45
N ARG A 175 -26.15 -9.35 -14.49
CA ARG A 175 -25.73 -10.53 -15.23
C ARG A 175 -24.36 -10.30 -15.85
N VAL A 176 -23.39 -11.14 -15.47
CA VAL A 176 -21.97 -11.02 -15.82
C VAL A 176 -21.62 -12.28 -16.60
N VAL A 177 -21.14 -12.09 -17.83
CA VAL A 177 -20.78 -13.19 -18.74
C VAL A 177 -19.29 -13.01 -19.05
N VAL A 178 -18.53 -14.10 -18.94
CA VAL A 178 -17.11 -14.14 -19.26
C VAL A 178 -16.95 -15.17 -20.38
N LEU A 179 -16.29 -14.75 -21.48
CA LEU A 179 -16.11 -15.54 -22.69
C LEU A 179 -14.60 -15.77 -22.83
N SER A 180 -14.10 -16.82 -22.19
CA SER A 180 -12.67 -17.11 -22.14
C SER A 180 -12.25 -17.82 -23.42
N PHE A 181 -11.07 -17.47 -23.93
CA PHE A 181 -10.52 -18.00 -25.18
C PHE A 181 -9.29 -18.84 -24.88
N GLU A 182 -8.91 -19.63 -25.89
CA GLU A 182 -8.06 -20.79 -25.71
C GLU A 182 -7.41 -21.15 -27.04
N ALA A 188 -8.61 -25.67 -33.78
CA ALA A 188 -9.06 -24.34 -34.16
C ALA A 188 -10.46 -24.40 -34.74
N THR A 189 -11.43 -24.80 -33.91
CA THR A 189 -12.79 -25.12 -34.32
C THR A 189 -13.83 -24.06 -34.00
N VAL A 190 -13.46 -22.91 -33.42
CA VAL A 190 -14.33 -21.74 -33.28
C VAL A 190 -13.56 -20.55 -33.85
N CYS A 191 -14.07 -19.98 -34.95
CA CYS A 191 -13.48 -18.84 -35.63
C CYS A 191 -14.63 -17.94 -36.09
N GLY A 192 -14.31 -16.83 -36.77
CA GLY A 192 -15.25 -15.79 -37.11
C GLY A 192 -15.82 -15.77 -38.53
N PRO A 193 -16.59 -14.71 -38.87
CA PRO A 193 -16.69 -14.26 -40.25
C PRO A 193 -15.71 -13.12 -40.55
N LYS A 194 -15.53 -12.83 -41.84
CA LYS A 194 -14.50 -11.88 -42.37
C LYS A 194 -13.06 -12.29 -42.02
N LYS A 195 -12.82 -13.57 -41.79
CA LYS A 195 -11.69 -13.99 -41.08
C LYS A 195 -10.41 -14.45 -41.94
N GLN B 1 -3.10 -11.31 -2.88
CA GLN B 1 -1.90 -11.95 -2.26
C GLN B 1 -0.67 -11.99 -3.17
N LEU B 2 -0.77 -11.36 -4.34
CA LEU B 2 0.45 -10.90 -5.02
C LEU B 2 1.07 -9.83 -4.15
N GLN B 3 2.37 -9.97 -3.89
CA GLN B 3 3.13 -9.09 -3.01
C GLN B 3 4.43 -8.76 -3.72
N LEU B 4 4.78 -7.49 -3.68
CA LEU B 4 5.97 -6.94 -4.35
C LEU B 4 6.96 -6.54 -3.27
N GLN B 5 8.23 -6.88 -3.52
CA GLN B 5 9.34 -6.73 -2.58
C GLN B 5 10.52 -6.13 -3.31
N GLU B 6 11.06 -5.04 -2.77
CA GLU B 6 12.23 -4.36 -3.32
C GLU B 6 13.49 -4.80 -2.60
N SER B 7 14.53 -5.08 -3.38
CA SER B 7 15.87 -5.42 -2.92
C SER B 7 16.80 -4.41 -3.58
N GLY B 8 17.51 -3.60 -2.77
CA GLY B 8 18.23 -2.41 -3.22
C GLY B 8 19.55 -2.11 -2.53
N PRO B 9 20.39 -1.22 -3.11
CA PRO B 9 21.78 -1.11 -2.62
C PRO B 9 21.96 -0.20 -1.42
N GLY B 10 21.02 0.72 -1.15
CA GLY B 10 21.17 1.67 -0.06
C GLY B 10 21.93 2.90 -0.51
N LEU B 11 23.26 2.77 -0.66
CA LEU B 11 24.08 3.77 -1.35
C LEU B 11 24.29 3.41 -2.82
N VAL B 12 24.08 4.41 -3.67
CA VAL B 12 24.72 4.53 -4.98
C VAL B 12 25.60 5.77 -4.89
N LYS B 13 26.83 5.65 -5.37
CA LYS B 13 27.80 6.74 -5.31
C LYS B 13 27.48 7.74 -6.44
N PRO B 14 27.90 9.02 -6.34
CA PRO B 14 27.36 9.99 -7.32
C PRO B 14 27.91 9.84 -8.73
N SER B 15 26.99 10.04 -9.70
CA SER B 15 27.17 9.75 -11.12
C SER B 15 27.75 8.36 -11.38
N GLU B 16 27.24 7.35 -10.67
CA GLU B 16 27.36 5.91 -10.97
C GLU B 16 25.94 5.42 -11.42
N THR B 17 25.60 4.12 -11.24
CA THR B 17 24.49 3.43 -11.77
C THR B 17 23.79 2.70 -10.62
N LEU B 18 22.51 3.04 -10.43
CA LEU B 18 21.71 2.40 -9.39
C LEU B 18 21.33 1.00 -9.84
N SER B 19 21.53 0.03 -8.96
CA SER B 19 21.31 -1.39 -9.22
C SER B 19 20.17 -1.87 -8.33
N LEU B 20 18.95 -1.84 -8.87
CA LEU B 20 17.70 -2.20 -8.18
C LEU B 20 17.06 -3.44 -8.80
N THR B 21 16.36 -4.20 -7.95
CA THR B 21 15.78 -5.49 -8.31
C THR B 21 14.53 -5.72 -7.45
N CYS B 22 13.41 -6.06 -8.09
CA CYS B 22 12.11 -6.27 -7.45
C CYS B 22 11.75 -7.74 -7.49
N THR B 23 11.55 -8.34 -6.32
CA THR B 23 11.25 -9.76 -6.18
C THR B 23 9.73 -9.94 -6.07
N VAL B 24 9.15 -10.69 -7.01
CA VAL B 24 7.70 -10.76 -7.23
C VAL B 24 7.20 -12.08 -6.64
N SER B 25 6.08 -12.02 -5.91
CA SER B 25 5.60 -13.15 -5.10
C SER B 25 4.06 -13.17 -5.08
N GLY B 26 3.49 -14.05 -5.91
CA GLY B 26 2.06 -14.34 -5.95
C GLY B 26 1.43 -14.11 -7.29
N GLY B 27 2.16 -14.55 -8.29
CA GLY B 27 1.81 -14.30 -9.67
C GLY B 27 3.03 -14.59 -10.51
N SER B 28 2.82 -14.51 -11.82
CA SER B 28 3.86 -14.71 -12.82
C SER B 28 4.30 -13.34 -13.33
N ILE B 29 5.62 -13.15 -13.44
CA ILE B 29 6.15 -11.99 -14.14
C ILE B 29 5.89 -12.10 -15.65
N SER B 30 5.82 -13.31 -16.19
CA SER B 30 5.38 -13.55 -17.57
C SER B 30 3.86 -13.66 -17.55
N SER B 31 3.23 -12.49 -17.40
CA SER B 31 1.77 -12.34 -17.43
C SER B 31 1.48 -11.09 -18.26
N SER B 32 0.83 -11.29 -19.40
CA SER B 32 0.84 -10.28 -20.46
C SER B 32 -0.05 -9.09 -20.15
N ASN B 33 -1.13 -9.27 -19.39
CA ASN B 33 -2.01 -8.16 -19.05
C ASN B 33 -1.34 -7.15 -18.13
N PHE B 34 -0.47 -7.62 -17.23
CA PHE B 34 0.13 -6.79 -16.19
C PHE B 34 1.37 -6.08 -16.73
N TYR B 35 1.42 -4.77 -16.53
CA TYR B 35 2.66 -4.01 -16.62
C TYR B 35 3.27 -3.90 -15.24
N TRP B 36 4.59 -3.79 -15.22
CA TRP B 36 5.40 -3.84 -14.02
C TRP B 36 6.40 -2.71 -14.12
N GLY B 37 6.40 -1.81 -13.14
CA GLY B 37 7.21 -0.62 -13.21
C GLY B 37 7.43 -0.03 -11.83
N TRP B 38 8.22 1.05 -11.82
CA TRP B 38 8.76 1.65 -10.61
C TRP B 38 8.24 3.07 -10.46
N ILE B 39 8.08 3.45 -9.20
CA ILE B 39 7.62 4.76 -8.76
C ILE B 39 8.60 5.14 -7.67
N ARG B 40 9.08 6.39 -7.70
CA ARG B 40 9.92 6.92 -6.63
C ARG B 40 9.21 8.08 -5.93
N GLN B 41 9.77 8.44 -4.79
CA GLN B 41 9.29 9.55 -3.97
C GLN B 41 10.52 10.10 -3.26
N PRO B 42 11.11 11.22 -3.73
CA PRO B 42 12.19 11.81 -2.98
C PRO B 42 11.61 12.44 -1.64
N PRO B 43 12.42 12.45 -0.59
CA PRO B 43 11.79 12.57 0.76
C PRO B 43 11.27 13.97 1.05
N GLY B 44 9.98 14.05 1.40
CA GLY B 44 9.30 15.31 1.58
C GLY B 44 8.67 15.90 0.31
N LYS B 45 9.09 15.45 -0.88
CA LYS B 45 8.51 15.83 -2.17
C LYS B 45 7.39 14.82 -2.49
N GLY B 46 6.86 14.79 -3.73
CA GLY B 46 5.81 13.90 -4.16
C GLY B 46 6.31 12.70 -4.96
N LEU B 47 5.33 11.93 -5.46
CA LEU B 47 5.58 10.71 -6.22
C LEU B 47 5.93 11.05 -7.68
N GLU B 48 6.44 10.04 -8.41
CA GLU B 48 6.97 10.22 -9.76
C GLU B 48 7.06 8.84 -10.40
N TRP B 49 6.56 8.70 -11.63
CA TRP B 49 6.70 7.46 -12.40
C TRP B 49 7.97 7.50 -13.25
N ILE B 50 8.62 6.34 -13.34
CA ILE B 50 9.98 6.21 -13.88
C ILE B 50 9.88 5.49 -15.22
N ALA B 51 9.43 4.24 -15.19
CA ALA B 51 9.39 3.37 -16.35
C ALA B 51 8.42 2.23 -16.01
N SER B 52 8.06 1.47 -17.04
CA SER B 52 7.35 0.23 -16.82
C SER B 52 7.60 -0.67 -18.01
N ILE B 53 7.51 -1.97 -17.78
CA ILE B 53 7.84 -3.00 -18.75
C ILE B 53 6.83 -4.10 -18.49
N THR B 54 6.59 -4.94 -19.50
CA THR B 54 5.90 -6.22 -19.37
C THR B 54 6.91 -7.20 -19.96
N TYR B 55 6.56 -8.49 -20.14
CA TYR B 55 7.44 -9.45 -20.82
C TYR B 55 6.98 -9.72 -22.28
N SER B 56 6.24 -8.78 -22.87
CA SER B 56 6.44 -8.51 -24.30
C SER B 56 7.79 -7.85 -24.58
N GLY B 57 8.44 -7.22 -23.58
CA GLY B 57 9.57 -6.34 -23.80
C GLY B 57 9.23 -4.89 -24.08
N ARG B 58 7.96 -4.63 -24.44
CA ARG B 58 7.48 -3.27 -24.66
C ARG B 58 7.61 -2.45 -23.38
N THR B 59 8.15 -1.24 -23.54
CA THR B 59 8.58 -0.41 -22.43
C THR B 59 8.17 1.02 -22.73
N PHE B 60 7.58 1.67 -21.72
CA PHE B 60 7.31 3.10 -21.71
C PHE B 60 8.13 3.69 -20.58
N TYR B 61 8.84 4.77 -20.87
CA TYR B 61 9.69 5.47 -19.93
C TYR B 61 9.08 6.83 -19.64
N ASN B 62 9.52 7.44 -18.55
CA ASN B 62 9.37 8.89 -18.39
C ASN B 62 10.40 9.55 -19.30
N PRO B 63 10.03 10.38 -20.31
CA PRO B 63 11.07 10.91 -21.21
C PRO B 63 12.02 11.93 -20.61
N SER B 64 11.72 12.49 -19.44
CA SER B 64 12.73 13.21 -18.67
C SER B 64 13.71 12.30 -17.91
N LEU B 65 13.55 10.96 -17.98
CA LEU B 65 14.53 9.99 -17.48
C LEU B 65 14.96 8.94 -18.52
N LYS B 66 14.43 8.97 -19.74
CA LYS B 66 14.64 7.90 -20.74
C LYS B 66 16.08 7.78 -21.21
N SER B 67 16.87 8.86 -21.14
CA SER B 67 18.30 8.76 -21.45
C SER B 67 19.08 7.95 -20.41
N ARG B 68 18.58 7.89 -19.16
CA ARG B 68 19.31 7.32 -18.03
C ARG B 68 18.75 5.99 -17.51
N VAL B 69 17.54 5.58 -17.95
CA VAL B 69 16.83 4.42 -17.41
C VAL B 69 16.95 3.30 -18.43
N ALA B 70 17.36 2.12 -17.97
CA ALA B 70 17.04 0.84 -18.58
C ALA B 70 16.39 -0.01 -17.50
N ILE B 71 15.28 -0.66 -17.85
CA ILE B 71 14.51 -1.54 -16.98
C ILE B 71 14.45 -2.88 -17.70
N SER B 72 14.66 -3.97 -16.96
CA SER B 72 14.91 -5.29 -17.52
C SER B 72 14.22 -6.34 -16.67
N VAL B 73 13.84 -7.45 -17.34
CA VAL B 73 13.11 -8.56 -16.74
C VAL B 73 14.05 -9.77 -16.70
N ASP B 74 13.97 -10.53 -15.61
CA ASP B 74 14.70 -11.79 -15.41
C ASP B 74 13.62 -12.76 -14.93
N THR B 75 13.07 -13.54 -15.87
CA THR B 75 11.89 -14.37 -15.58
C THR B 75 12.22 -15.63 -14.80
N SER B 76 13.42 -16.20 -14.99
CA SER B 76 13.77 -17.42 -14.26
C SER B 76 13.95 -17.20 -12.76
N LYS B 77 14.22 -16.00 -12.36
CA LYS B 77 14.29 -15.54 -10.95
C LYS B 77 13.08 -14.67 -10.56
N ASN B 78 12.07 -14.60 -11.45
CA ASN B 78 10.73 -13.99 -11.27
C ASN B 78 10.73 -12.48 -11.10
N GLN B 79 11.85 -11.82 -11.34
CA GLN B 79 12.10 -10.44 -10.92
C GLN B 79 12.08 -9.56 -12.15
N PHE B 80 11.81 -8.28 -11.92
CA PHE B 80 12.16 -7.21 -12.84
C PHE B 80 13.04 -6.23 -12.08
N SER B 81 13.86 -5.50 -12.83
CA SER B 81 15.04 -4.82 -12.30
CA SER B 81 15.03 -4.81 -12.29
C SER B 81 15.21 -3.50 -13.03
N LEU B 82 15.82 -2.52 -12.32
CA LEU B 82 15.99 -1.16 -12.80
C LEU B 82 17.46 -0.77 -12.76
N LYS B 83 17.97 -0.32 -13.90
CA LYS B 83 19.19 0.49 -13.99
C LYS B 83 18.76 1.96 -14.05
N LEU B 84 19.31 2.79 -13.16
CA LEU B 84 19.27 4.25 -13.29
C LEU B 84 20.73 4.71 -13.27
N SER B 85 21.23 5.12 -14.43
CA SER B 85 22.58 5.63 -14.59
C SER B 85 22.63 7.14 -14.39
N SER B 86 23.87 7.64 -14.26
CA SER B 86 24.23 9.07 -14.35
C SER B 86 23.52 9.89 -13.27
N VAL B 87 23.65 9.41 -12.03
CA VAL B 87 22.78 9.83 -10.94
C VAL B 87 23.26 11.15 -10.34
N THR B 88 22.34 12.11 -10.21
CA THR B 88 22.57 13.33 -9.46
C THR B 88 22.30 13.09 -7.97
N ALA B 89 22.63 14.10 -7.17
CA ALA B 89 22.32 14.04 -5.74
C ALA B 89 20.82 14.19 -5.46
N ALA B 90 20.05 14.78 -6.37
CA ALA B 90 18.60 14.87 -6.26
C ALA B 90 17.85 13.66 -6.85
N ASP B 91 18.54 12.53 -7.10
CA ASP B 91 17.90 11.23 -7.30
C ASP B 91 17.83 10.40 -6.00
N THR B 92 17.95 11.02 -4.84
CA THR B 92 17.74 10.35 -3.55
C THR B 92 16.25 10.14 -3.34
N ALA B 93 15.82 8.88 -3.25
CA ALA B 93 14.40 8.60 -3.11
C ALA B 93 14.17 7.20 -2.57
N VAL B 94 12.90 6.91 -2.29
CA VAL B 94 12.38 5.61 -1.86
C VAL B 94 11.68 5.04 -3.08
N TYR B 95 12.15 3.89 -3.57
CA TYR B 95 11.75 3.35 -4.86
C TYR B 95 10.75 2.21 -4.65
N TYR B 96 9.59 2.32 -5.31
CA TYR B 96 8.44 1.44 -5.16
C TYR B 96 8.20 0.66 -6.45
N CYS B 97 8.59 -0.60 -6.47
CA CYS B 97 8.18 -1.47 -7.56
C CYS B 97 6.71 -1.81 -7.41
N ALA B 98 6.01 -1.91 -8.55
CA ALA B 98 4.57 -1.91 -8.57
C ALA B 98 4.05 -2.64 -9.80
N ARG B 99 2.90 -3.30 -9.64
CA ARG B 99 2.12 -3.92 -10.70
C ARG B 99 1.03 -2.92 -11.09
N THR B 100 0.65 -2.91 -12.39
CA THR B 100 -0.47 -2.10 -12.87
C THR B 100 -1.78 -2.88 -12.81
N PHE B 101 -2.87 -2.20 -13.08
CA PHE B 101 -4.13 -2.83 -13.41
C PHE B 101 -4.02 -3.52 -14.77
N PRO B 102 -4.78 -4.63 -15.01
CA PRO B 102 -4.52 -5.41 -16.23
C PRO B 102 -4.95 -4.71 -17.51
N SER B 103 -4.15 -4.91 -18.55
CA SER B 103 -4.30 -4.18 -19.80
C SER B 103 -5.43 -4.81 -20.60
N TYR B 104 -6.43 -3.99 -20.97
CA TYR B 104 -7.58 -4.45 -21.74
C TYR B 104 -7.81 -3.62 -22.98
N TYR B 105 -8.43 -4.28 -23.93
CA TYR B 105 -9.02 -3.68 -25.12
C TYR B 105 -10.52 -3.58 -24.87
N ASP B 106 -11.09 -2.40 -25.07
CA ASP B 106 -12.34 -2.05 -24.41
C ASP B 106 -13.51 -2.41 -25.36
N ARG B 107 -14.62 -1.64 -25.35
CA ARG B 107 -15.70 -1.80 -26.31
C ARG B 107 -15.12 -1.69 -27.73
N SER B 108 -14.58 -0.50 -28.06
CA SER B 108 -14.18 -0.18 -29.42
C SER B 108 -12.71 -0.54 -29.73
N GLY B 109 -12.14 -1.49 -29.01
CA GLY B 109 -10.77 -1.92 -29.28
C GLY B 109 -9.66 -0.98 -28.85
N TYR B 110 -9.98 0.09 -28.13
CA TYR B 110 -8.96 1.01 -27.61
C TYR B 110 -8.23 0.32 -26.46
N HIS B 111 -6.92 0.19 -26.59
CA HIS B 111 -6.11 -0.63 -25.70
C HIS B 111 -5.61 0.26 -24.57
N TYR B 112 -6.29 0.18 -23.42
CA TYR B 112 -5.81 0.81 -22.19
C TYR B 112 -4.73 -0.09 -21.58
N LEU B 113 -3.56 0.48 -21.34
CA LEU B 113 -2.40 -0.24 -20.85
C LEU B 113 -1.60 0.74 -19.99
N ASN B 114 -0.88 0.16 -19.02
CA ASN B 114 0.14 0.76 -18.17
C ASN B 114 -0.30 2.12 -17.66
N TYR B 115 -1.20 2.13 -16.68
CA TYR B 115 -2.10 3.28 -16.52
C TYR B 115 -2.30 3.70 -15.07
N GLY B 116 -2.34 2.76 -14.14
CA GLY B 116 -2.14 3.10 -12.75
C GLY B 116 -1.70 1.89 -11.97
N MET B 117 -0.94 2.15 -10.91
CA MET B 117 -0.40 1.06 -10.10
C MET B 117 -1.45 0.54 -9.13
N ASP B 118 -1.24 -0.72 -8.76
CA ASP B 118 -2.25 -1.62 -8.20
C ASP B 118 -1.71 -2.20 -6.90
N VAL B 119 -0.91 -3.26 -6.96
CA VAL B 119 -0.13 -3.73 -5.84
C VAL B 119 1.10 -2.86 -5.77
N TRP B 120 1.33 -2.26 -4.61
CA TRP B 120 2.53 -1.52 -4.28
C TRP B 120 3.50 -2.46 -3.58
N GLY B 121 4.76 -1.99 -3.48
CA GLY B 121 5.79 -2.67 -2.73
C GLY B 121 6.03 -2.01 -1.39
N GLN B 122 7.00 -2.57 -0.68
CA GLN B 122 7.39 -2.07 0.63
C GLN B 122 8.31 -0.84 0.56
N GLY B 123 9.01 -0.65 -0.56
CA GLY B 123 10.04 0.36 -0.69
C GLY B 123 11.41 -0.14 -0.24
N THR B 124 12.45 0.44 -0.84
CA THR B 124 13.79 0.41 -0.30
C THR B 124 14.40 1.77 -0.55
N THR B 125 15.10 2.30 0.46
CA THR B 125 15.55 3.69 0.44
C THR B 125 16.91 3.76 -0.25
N VAL B 126 16.93 4.48 -1.36
CA VAL B 126 18.14 4.73 -2.14
C VAL B 126 18.63 6.11 -1.73
N THR B 127 19.87 6.18 -1.25
CA THR B 127 20.51 7.40 -0.76
C THR B 127 21.67 7.68 -1.70
N VAL B 128 21.68 8.86 -2.33
CA VAL B 128 22.80 9.31 -3.14
C VAL B 128 23.63 10.20 -2.23
N SER B 129 24.83 9.75 -1.86
CA SER B 129 25.79 10.60 -1.18
C SER B 129 27.20 10.12 -1.49
N SER B 130 28.15 11.02 -1.27
CA SER B 130 29.53 10.79 -1.68
C SER B 130 30.26 9.87 -0.71
N ALA B 131 30.11 10.10 0.59
CA ALA B 131 30.81 9.29 1.58
C ALA B 131 30.16 7.91 1.70
N SER B 132 30.89 6.99 2.33
CA SER B 132 30.56 5.57 2.31
C SER B 132 29.74 5.15 3.53
N THR B 133 29.32 3.89 3.49
CA THR B 133 28.45 3.35 4.54
CA THR B 133 28.44 3.38 4.54
C THR B 133 29.21 3.22 5.86
N LYS B 134 28.52 3.49 6.96
CA LYS B 134 28.97 3.17 8.31
C LYS B 134 27.85 2.35 8.95
N GLY B 135 28.23 1.22 9.56
CA GLY B 135 27.30 0.43 10.33
C GLY B 135 27.03 1.06 11.68
N PRO B 136 25.88 0.79 12.31
CA PRO B 136 25.52 1.52 13.52
C PRO B 136 26.31 1.02 14.72
N SER B 137 26.06 1.66 15.87
CA SER B 137 26.69 1.33 17.14
C SER B 137 25.55 1.19 18.14
N VAL B 138 25.16 -0.06 18.40
CA VAL B 138 23.96 -0.38 19.15
C VAL B 138 24.37 -0.54 20.60
N PHE B 139 23.74 0.28 21.48
CA PHE B 139 23.94 0.29 22.92
C PHE B 139 22.61 0.00 23.62
N PRO B 140 22.56 -0.82 24.69
CA PRO B 140 21.28 -1.02 25.36
C PRO B 140 20.94 0.22 26.17
N LEU B 141 19.64 0.50 26.27
CA LEU B 141 19.10 1.59 27.09
C LEU B 141 18.29 0.93 28.21
N ALA B 142 19.00 0.62 29.30
CA ALA B 142 18.48 -0.20 30.38
C ALA B 142 17.40 0.56 31.16
N PRO B 143 16.47 -0.15 31.85
CA PRO B 143 15.50 0.55 32.69
C PRO B 143 16.04 0.84 34.09
N SER B 144 15.32 1.69 34.81
CA SER B 144 15.50 1.86 36.25
C SER B 144 14.13 2.17 36.89
N SER B 145 13.96 3.27 37.64
CA SER B 145 12.67 3.67 38.20
C SER B 145 12.44 5.15 37.93
N SER B 149 10.79 3.12 34.98
CA SER B 149 9.48 2.58 35.35
C SER B 149 8.52 3.64 35.85
N GLY B 150 7.25 3.47 35.47
CA GLY B 150 6.14 4.19 36.04
C GLY B 150 4.96 3.25 36.19
N GLY B 151 5.22 2.05 36.76
CA GLY B 151 4.24 1.01 36.96
C GLY B 151 4.26 -0.06 35.88
N THR B 152 4.68 0.31 34.66
CA THR B 152 5.10 -0.62 33.61
C THR B 152 6.43 -0.12 33.06
N ALA B 153 7.45 -0.96 33.10
CA ALA B 153 8.80 -0.50 32.78
C ALA B 153 9.00 -0.31 31.28
N ALA B 154 10.09 0.39 30.94
CA ALA B 154 10.42 0.80 29.58
C ALA B 154 11.92 0.68 29.35
N LEU B 155 12.31 0.06 28.24
CA LEU B 155 13.70 -0.30 27.94
C LEU B 155 13.90 -0.18 26.43
N GLY B 156 15.15 -0.26 25.99
CA GLY B 156 15.47 0.27 24.66
C GLY B 156 16.84 -0.07 24.11
N CYS B 157 17.02 0.30 22.87
CA CYS B 157 18.21 0.29 22.03
C CYS B 157 18.55 1.54 21.31
N LEU B 158 19.53 2.29 21.84
CA LEU B 158 20.07 3.44 21.12
C LEU B 158 20.90 2.89 19.97
N VAL B 159 20.60 3.35 18.75
CA VAL B 159 21.26 2.89 17.53
C VAL B 159 22.12 4.05 17.02
N LYS B 160 23.29 4.27 17.62
CA LYS B 160 24.13 5.42 17.24
C LYS B 160 24.79 5.25 15.89
N ASP B 161 24.84 6.39 15.17
CA ASP B 161 25.84 6.71 14.16
C ASP B 161 25.92 5.72 13.00
N TYR B 162 25.12 5.96 11.97
CA TYR B 162 25.16 5.13 10.77
C TYR B 162 24.87 6.00 9.56
N PHE B 163 25.27 5.48 8.40
CA PHE B 163 24.91 6.00 7.11
C PHE B 163 24.78 4.79 6.19
N PRO B 164 23.75 4.73 5.30
CA PRO B 164 22.46 5.43 5.18
C PRO B 164 21.35 4.73 5.94
N GLU B 165 20.23 5.43 6.02
CA GLU B 165 19.01 4.81 6.43
C GLU B 165 18.61 3.70 5.43
N PRO B 166 17.82 2.67 5.86
CA PRO B 166 17.26 2.33 7.16
C PRO B 166 17.99 1.26 7.93
N VAL B 167 18.15 1.49 9.24
CA VAL B 167 18.09 0.39 10.19
C VAL B 167 16.62 0.01 10.30
N THR B 168 16.37 -1.29 10.47
CA THR B 168 15.14 -1.79 11.05
C THR B 168 15.53 -2.28 12.44
N VAL B 169 14.58 -2.22 13.38
CA VAL B 169 14.75 -2.78 14.72
C VAL B 169 13.47 -3.53 15.03
N SER B 170 13.57 -4.85 15.19
CA SER B 170 12.54 -5.66 15.82
C SER B 170 12.94 -5.86 17.27
N TRP B 171 12.15 -6.64 18.01
CA TRP B 171 12.30 -6.83 19.44
C TRP B 171 11.94 -8.26 19.78
N ASN B 172 12.84 -8.95 20.51
CA ASN B 172 12.74 -10.39 20.85
C ASN B 172 12.58 -11.27 19.59
N SER B 173 13.21 -10.86 18.50
CA SER B 173 13.10 -11.49 17.17
C SER B 173 11.64 -11.63 16.73
N GLY B 174 10.91 -10.52 16.81
CA GLY B 174 9.55 -10.44 16.31
C GLY B 174 8.47 -10.90 17.28
N ALA B 175 8.84 -11.52 18.40
CA ALA B 175 7.86 -11.89 19.42
C ALA B 175 7.15 -10.67 20.01
N LEU B 176 7.92 -9.63 20.26
CA LEU B 176 7.50 -8.45 21.00
C LEU B 176 7.03 -7.41 20.01
N THR B 177 5.69 -7.19 19.97
CA THR B 177 5.02 -6.21 19.12
C THR B 177 4.32 -5.14 19.94
N SER B 178 3.57 -5.54 20.98
CA SER B 178 2.78 -4.60 21.76
C SER B 178 3.66 -3.90 22.77
N GLY B 179 3.60 -2.57 22.78
CA GLY B 179 4.51 -1.73 23.52
C GLY B 179 5.70 -1.22 22.73
N VAL B 180 6.07 -1.90 21.65
CA VAL B 180 7.16 -1.44 20.80
C VAL B 180 6.70 -0.17 20.08
N HIS B 181 7.52 0.88 20.16
CA HIS B 181 7.39 2.04 19.28
C HIS B 181 8.81 2.51 18.93
N THR B 182 9.22 2.21 17.70
CA THR B 182 10.51 2.65 17.18
C THR B 182 10.37 4.06 16.61
N PHE B 183 11.31 4.93 16.97
CA PHE B 183 11.24 6.36 16.70
C PHE B 183 11.83 6.66 15.33
N PRO B 184 11.64 7.88 14.80
CA PRO B 184 12.49 8.31 13.68
C PRO B 184 13.93 8.50 14.12
N ALA B 185 14.80 8.60 13.12
CA ALA B 185 16.23 8.83 13.29
C ALA B 185 16.54 10.31 13.06
N VAL B 186 17.37 10.88 13.93
CA VAL B 186 17.77 12.29 13.77
C VAL B 186 18.74 12.34 12.60
N LEU B 187 18.79 13.47 11.88
CA LEU B 187 19.93 13.82 11.03
C LEU B 187 20.85 14.69 11.87
N GLN B 188 22.06 14.19 12.11
CA GLN B 188 22.95 14.77 13.11
C GLN B 188 23.66 15.97 12.50
N SER B 189 24.62 16.55 13.24
CA SER B 189 25.49 17.57 12.69
C SER B 189 26.49 17.03 11.66
N SER B 190 26.76 15.72 11.65
CA SER B 190 27.93 15.12 11.02
C SER B 190 27.58 14.15 9.89
N GLY B 191 26.39 14.28 9.27
CA GLY B 191 25.95 13.41 8.19
C GLY B 191 25.28 12.12 8.61
N LEU B 192 25.58 11.62 9.80
CA LEU B 192 25.17 10.32 10.28
C LEU B 192 23.81 10.42 10.97
N TYR B 193 23.24 9.25 11.30
CA TYR B 193 21.89 9.10 11.82
C TYR B 193 21.92 8.34 13.14
N SER B 194 20.95 8.65 14.00
CA SER B 194 20.73 7.91 15.25
C SER B 194 19.24 7.83 15.54
N LEU B 195 18.72 6.60 15.70
CA LEU B 195 17.41 6.36 16.29
C LEU B 195 17.55 5.56 17.58
N SER B 196 16.42 5.45 18.29
CA SER B 196 16.24 4.65 19.47
C SER B 196 14.91 3.93 19.35
N SER B 197 14.91 2.63 19.63
CA SER B 197 13.70 1.83 19.70
C SER B 197 13.38 1.59 21.17
N VAL B 198 12.10 1.75 21.53
CA VAL B 198 11.61 1.65 22.90
C VAL B 198 10.63 0.50 22.86
N VAL B 199 10.56 -0.24 23.96
CA VAL B 199 9.45 -1.08 24.30
C VAL B 199 9.09 -0.86 25.77
N THR B 200 7.81 -0.55 26.00
CA THR B 200 7.22 -0.51 27.34
C THR B 200 6.77 -1.93 27.69
N VAL B 201 7.39 -2.50 28.72
CA VAL B 201 7.34 -3.92 29.08
C VAL B 201 6.48 -4.04 30.33
N PRO B 202 6.33 -5.22 30.97
CA PRO B 202 5.87 -5.23 32.36
C PRO B 202 6.95 -4.79 33.34
N SER B 203 6.50 -4.08 34.38
CA SER B 203 7.39 -3.75 35.49
C SER B 203 7.90 -4.97 36.27
N SER B 204 7.20 -6.11 36.22
CA SER B 204 7.38 -7.23 37.13
C SER B 204 8.13 -8.42 36.51
N SER B 205 8.78 -8.25 35.35
CA SER B 205 9.32 -9.34 34.54
C SER B 205 10.82 -9.23 34.27
N LEU B 206 11.52 -8.30 34.89
CA LEU B 206 12.83 -7.88 34.38
C LEU B 206 13.98 -8.76 34.85
N GLY B 207 13.78 -9.61 35.87
CA GLY B 207 14.65 -10.71 36.21
C GLY B 207 14.15 -12.09 35.80
N THR B 208 12.95 -12.20 35.21
CA THR B 208 12.45 -13.44 34.61
C THR B 208 12.72 -13.43 33.10
N GLN B 209 12.26 -12.38 32.43
CA GLN B 209 12.02 -12.36 30.99
C GLN B 209 13.15 -11.63 30.27
N THR B 210 13.49 -12.14 29.08
CA THR B 210 14.75 -11.88 28.38
C THR B 210 14.46 -10.96 27.19
N TYR B 211 14.92 -9.70 27.26
CA TYR B 211 14.58 -8.66 26.28
C TYR B 211 15.80 -8.33 25.41
N ILE B 212 15.64 -8.50 24.09
CA ILE B 212 16.71 -8.39 23.10
C ILE B 212 16.13 -7.53 21.98
N CYS B 213 16.79 -6.41 21.64
CA CYS B 213 16.49 -5.72 20.38
C CYS B 213 17.32 -6.36 19.28
N ASN B 214 16.92 -6.10 18.02
CA ASN B 214 17.46 -6.79 16.86
C ASN B 214 17.64 -5.75 15.74
N VAL B 215 18.76 -5.03 15.79
CA VAL B 215 19.02 -3.94 14.86
C VAL B 215 19.59 -4.56 13.59
N ASN B 216 18.85 -4.48 12.49
CA ASN B 216 19.29 -4.91 11.16
C ASN B 216 19.54 -3.66 10.32
N HIS B 217 20.83 -3.29 10.16
CA HIS B 217 21.27 -2.29 9.17
C HIS B 217 21.70 -3.10 7.96
N LYS B 218 20.79 -3.25 6.99
CA LYS B 218 21.12 -3.97 5.78
C LYS B 218 22.14 -3.27 4.86
N PRO B 219 22.25 -1.91 4.84
CA PRO B 219 23.40 -1.28 4.15
C PRO B 219 24.78 -1.37 4.79
N SER B 220 24.99 -2.24 5.78
CA SER B 220 26.33 -2.70 6.13
C SER B 220 26.37 -4.19 6.49
N ASN B 221 25.31 -4.96 6.19
CA ASN B 221 25.11 -6.37 6.62
C ASN B 221 25.22 -6.56 8.14
N THR B 222 24.85 -5.54 8.92
CA THR B 222 24.90 -5.58 10.36
C THR B 222 23.54 -6.07 10.77
N LYS B 223 23.48 -7.28 11.32
CA LYS B 223 22.55 -7.57 12.39
C LYS B 223 23.33 -7.49 13.70
N VAL B 224 22.69 -6.87 14.68
CA VAL B 224 23.12 -6.88 16.08
C VAL B 224 21.86 -7.23 16.87
N ASP B 225 21.94 -8.32 17.64
CA ASP B 225 20.81 -8.83 18.43
C ASP B 225 21.08 -8.52 19.90
N LYS B 226 21.15 -7.23 20.22
CA LYS B 226 21.69 -6.75 21.48
C LYS B 226 20.73 -7.06 22.61
N LYS B 227 21.25 -7.60 23.71
CA LYS B 227 20.48 -7.86 24.92
C LYS B 227 20.47 -6.63 25.82
N VAL B 228 19.31 -6.37 26.43
CA VAL B 228 19.06 -5.24 27.34
C VAL B 228 18.62 -5.87 28.66
N GLU B 229 19.50 -5.79 29.69
CA GLU B 229 19.26 -6.16 31.09
C GLU B 229 19.30 -4.92 32.01
N PRO B 230 18.66 -4.95 33.26
CA PRO B 230 18.69 -3.76 34.14
C PRO B 230 20.01 -3.30 34.73
N LYS B 231 19.94 -2.32 35.65
CA LYS B 231 21.04 -1.60 36.28
C LYS B 231 21.18 -1.99 37.76
N SER B 232 22.29 -1.52 38.39
CA SER B 232 22.49 -1.47 39.82
C SER B 232 22.68 -0.02 40.25
N CYS B 233 21.62 0.63 40.72
CA CYS B 233 21.68 2.03 41.14
C CYS B 233 22.56 2.22 42.37
N ASN C 1 2.53 17.47 -22.67
CA ASN C 1 2.30 16.76 -21.39
C ASN C 1 1.58 17.74 -20.48
N PHE C 2 1.37 17.40 -19.19
CA PHE C 2 0.57 18.24 -18.30
C PHE C 2 1.07 18.15 -16.87
N MET C 3 0.45 18.97 -16.02
CA MET C 3 0.61 19.03 -14.59
C MET C 3 -0.70 18.64 -13.94
N LEU C 4 -0.62 18.19 -12.68
CA LEU C 4 -1.77 17.87 -11.85
C LEU C 4 -1.61 18.63 -10.53
N THR C 5 -2.40 19.70 -10.36
CA THR C 5 -2.23 20.66 -9.27
C THR C 5 -3.27 20.30 -8.22
N GLN C 6 -2.81 19.62 -7.17
CA GLN C 6 -3.64 19.42 -5.99
C GLN C 6 -3.53 20.62 -5.07
N PRO C 7 -4.53 20.86 -4.21
CA PRO C 7 -4.25 21.63 -2.98
C PRO C 7 -3.23 20.88 -2.12
N HIS C 8 -2.30 21.65 -1.53
CA HIS C 8 -1.21 21.03 -0.78
C HIS C 8 -1.68 20.50 0.57
N SER C 9 -2.60 21.22 1.22
CA SER C 9 -3.11 20.88 2.55
C SER C 9 -4.61 21.11 2.55
N MET C 10 -5.35 20.16 3.17
CA MET C 10 -6.76 20.31 3.46
C MET C 10 -7.07 19.92 4.89
N SER C 11 -8.19 20.48 5.38
CA SER C 11 -8.76 20.16 6.67
C SER C 11 -10.27 20.11 6.59
N GLU C 12 -10.85 19.20 7.37
CA GLU C 12 -12.29 19.13 7.53
C GLU C 12 -12.54 18.31 8.80
N SER C 13 -13.50 18.76 9.64
CA SER C 13 -13.75 18.10 10.93
C SER C 13 -14.29 16.68 10.73
N PRO C 14 -14.21 15.78 11.74
CA PRO C 14 -14.75 14.41 11.58
C PRO C 14 -16.24 14.35 11.25
N GLY C 15 -16.57 13.47 10.29
CA GLY C 15 -17.95 13.21 9.86
C GLY C 15 -18.36 13.82 8.53
N LYS C 16 -18.28 15.16 8.46
CA LYS C 16 -18.74 15.92 7.29
C LYS C 16 -17.71 15.90 6.15
N THR C 17 -18.22 15.70 4.92
CA THR C 17 -17.47 15.26 3.74
C THR C 17 -16.38 16.27 3.34
N VAL C 18 -15.26 15.73 2.79
CA VAL C 18 -14.14 16.48 2.22
C VAL C 18 -14.06 16.14 0.72
N THR C 19 -13.41 17.00 -0.07
CA THR C 19 -13.20 16.81 -1.50
C THR C 19 -11.86 17.39 -1.91
N ILE C 20 -11.03 16.59 -2.58
CA ILE C 20 -9.67 16.97 -3.01
C ILE C 20 -9.76 17.20 -4.52
N SER C 21 -9.59 18.45 -4.95
CA SER C 21 -9.84 18.85 -6.34
C SER C 21 -8.52 18.96 -7.09
N CYS C 22 -8.15 17.88 -7.77
CA CYS C 22 -6.94 17.78 -8.57
C CYS C 22 -7.17 18.24 -10.01
N THR C 23 -6.55 19.37 -10.38
CA THR C 23 -6.80 20.06 -11.65
C THR C 23 -5.69 19.75 -12.67
N ARG C 24 -6.09 19.28 -13.86
CA ARG C 24 -5.18 19.03 -14.98
C ARG C 24 -5.08 20.28 -15.84
N SER C 25 -3.84 20.66 -16.19
CA SER C 25 -3.59 22.00 -16.71
C SER C 25 -3.99 22.14 -18.18
N SER C 26 -3.28 21.43 -19.09
CA SER C 26 -3.60 21.37 -20.51
C SER C 26 -3.89 19.94 -20.94
N GLY C 27 -4.88 19.77 -21.83
CA GLY C 27 -5.45 18.48 -22.19
C GLY C 27 -6.66 18.19 -21.31
N SER C 28 -7.78 17.72 -21.87
CA SER C 28 -9.02 17.61 -21.09
C SER C 28 -9.00 16.37 -20.16
N ILE C 29 -9.89 16.33 -19.15
CA ILE C 29 -9.53 15.57 -17.93
C ILE C 29 -9.80 14.10 -18.17
N ALA C 30 -11.03 13.81 -18.58
CA ALA C 30 -11.50 12.44 -18.73
C ALA C 30 -11.11 11.81 -20.07
N SER C 31 -10.09 12.34 -20.75
CA SER C 31 -9.45 11.61 -21.84
C SER C 31 -8.87 10.30 -21.32
N ASN C 32 -8.18 10.39 -20.18
CA ASN C 32 -7.47 9.31 -19.54
C ASN C 32 -8.02 9.08 -18.14
N TYR C 33 -7.68 7.92 -17.60
CA TYR C 33 -8.16 7.49 -16.31
C TYR C 33 -7.37 8.13 -15.18
N VAL C 34 -8.05 8.29 -14.05
CA VAL C 34 -7.54 8.91 -12.84
C VAL C 34 -7.52 7.79 -11.81
N GLN C 35 -6.44 7.74 -11.05
CA GLN C 35 -6.24 6.82 -9.94
C GLN C 35 -5.81 7.65 -8.76
N TRP C 36 -6.27 7.28 -7.56
CA TRP C 36 -5.89 7.96 -6.32
C TRP C 36 -5.21 6.95 -5.41
N TYR C 37 -4.07 7.37 -4.86
CA TYR C 37 -3.29 6.60 -3.91
C TYR C 37 -3.34 7.30 -2.57
N GLN C 38 -3.67 6.54 -1.52
CA GLN C 38 -3.49 6.98 -0.15
C GLN C 38 -2.08 6.57 0.26
N GLN C 39 -1.29 7.53 0.74
CA GLN C 39 -0.06 7.26 1.49
C GLN C 39 -0.26 7.87 2.88
N ARG C 40 -0.08 7.02 3.91
CA ARG C 40 0.05 7.38 5.32
C ARG C 40 1.54 7.53 5.64
N PRO C 41 1.92 8.23 6.74
CA PRO C 41 3.36 8.42 6.99
C PRO C 41 4.09 7.15 7.40
N GLY C 42 5.34 7.05 6.94
CA GLY C 42 6.17 5.89 7.20
C GLY C 42 5.73 4.62 6.52
N SER C 43 4.93 4.74 5.44
CA SER C 43 4.15 3.64 4.89
C SER C 43 4.27 3.61 3.36
N SER C 44 3.87 2.48 2.80
CA SER C 44 3.70 2.38 1.36
C SER C 44 2.46 3.16 0.94
N PRO C 45 2.38 3.63 -0.32
CA PRO C 45 1.07 4.01 -0.86
C PRO C 45 0.17 2.80 -1.08
N THR C 46 -1.15 3.07 -1.07
CA THR C 46 -2.19 2.09 -1.40
C THR C 46 -3.19 2.75 -2.33
N THR C 47 -3.52 2.07 -3.43
CA THR C 47 -4.48 2.61 -4.40
C THR C 47 -5.87 2.51 -3.80
N VAL C 48 -6.63 3.64 -3.80
CA VAL C 48 -7.98 3.71 -3.23
C VAL C 48 -9.09 4.05 -4.22
N ILE C 49 -8.77 4.75 -5.31
CA ILE C 49 -9.68 4.92 -6.44
C ILE C 49 -8.89 4.54 -7.69
N TYR C 50 -9.58 3.92 -8.65
CA TYR C 50 -8.97 3.60 -9.94
C TYR C 50 -10.02 3.67 -11.04
N GLU C 51 -9.55 4.08 -12.21
CA GLU C 51 -10.37 4.31 -13.41
C GLU C 51 -11.46 5.32 -13.14
N ASP C 52 -11.02 6.53 -12.71
CA ASP C 52 -11.82 7.68 -12.34
C ASP C 52 -12.64 7.57 -11.04
N ASN C 53 -13.27 6.41 -10.74
CA ASN C 53 -14.24 6.31 -9.65
C ASN C 53 -14.37 4.96 -8.92
N GLN C 54 -13.71 3.92 -9.40
CA GLN C 54 -13.93 2.55 -8.93
C GLN C 54 -13.07 2.25 -7.71
N ARG C 55 -13.62 1.44 -6.76
CA ARG C 55 -12.99 1.16 -5.46
C ARG C 55 -12.35 -0.23 -5.46
N PRO C 56 -11.08 -0.42 -5.04
CA PRO C 56 -10.62 -1.78 -4.74
C PRO C 56 -11.24 -2.37 -3.47
N SER C 57 -10.92 -3.65 -3.25
CA SER C 57 -11.41 -4.38 -2.09
C SER C 57 -10.60 -4.01 -0.86
N GLY C 58 -11.29 -3.84 0.26
CA GLY C 58 -10.72 -3.31 1.47
C GLY C 58 -10.75 -1.80 1.64
N VAL C 59 -11.19 -1.07 0.62
CA VAL C 59 -11.21 0.40 0.64
C VAL C 59 -12.61 0.75 1.17
N PRO C 60 -12.79 1.62 2.18
CA PRO C 60 -14.15 1.89 2.67
C PRO C 60 -15.08 2.59 1.69
N ASP C 61 -16.37 2.44 2.00
CA ASP C 61 -17.46 2.68 1.04
C ASP C 61 -17.59 4.16 0.70
N ARG C 62 -17.43 4.98 1.69
CA ARG C 62 -17.34 6.43 1.66
C ARG C 62 -16.29 7.00 0.69
N PHE C 63 -15.22 6.26 0.37
CA PHE C 63 -14.26 6.73 -0.64
C PHE C 63 -14.86 6.70 -2.04
N SER C 64 -15.44 7.82 -2.49
CA SER C 64 -15.99 7.97 -3.84
C SER C 64 -15.08 8.88 -4.65
N GLY C 65 -14.87 8.50 -5.92
CA GLY C 65 -14.14 9.30 -6.88
C GLY C 65 -15.10 9.83 -7.92
N SER C 66 -14.76 10.99 -8.49
N SER C 66 -14.77 11.00 -8.48
CA SER C 66 -15.54 11.58 -9.57
CA SER C 66 -15.54 11.56 -9.59
C SER C 66 -14.61 12.47 -10.39
C SER C 66 -14.59 12.39 -10.44
N ILE C 67 -15.13 12.90 -11.54
CA ILE C 67 -14.45 13.80 -12.47
C ILE C 67 -15.29 15.05 -12.53
N ASP C 68 -14.64 16.22 -12.38
CA ASP C 68 -15.29 17.52 -12.43
C ASP C 68 -14.78 18.28 -13.66
N SER C 69 -15.44 18.09 -14.80
CA SER C 69 -14.90 18.54 -16.08
C SER C 69 -15.15 20.01 -16.41
N SER C 70 -15.83 20.77 -15.53
CA SER C 70 -16.04 22.20 -15.76
C SER C 70 -14.74 23.00 -15.60
N SER C 71 -14.05 22.87 -14.47
CA SER C 71 -12.68 23.38 -14.27
C SER C 71 -11.54 22.39 -14.63
N ASN C 72 -11.90 21.30 -15.33
CA ASN C 72 -11.09 20.29 -16.06
C ASN C 72 -10.54 19.35 -14.94
N SER C 73 -11.26 19.20 -13.81
CA SER C 73 -10.71 18.72 -12.54
C SER C 73 -11.20 17.30 -12.18
N ALA C 74 -10.55 16.75 -11.14
CA ALA C 74 -10.69 15.35 -10.73
C ALA C 74 -10.75 15.27 -9.22
N SER C 75 -11.85 14.69 -8.70
CA SER C 75 -12.23 14.79 -7.30
C SER C 75 -12.26 13.44 -6.58
N LEU C 76 -11.51 13.37 -5.46
CA LEU C 76 -11.63 12.31 -4.46
C LEU C 76 -12.47 12.87 -3.34
N THR C 77 -13.48 12.11 -2.93
CA THR C 77 -14.49 12.56 -1.99
C THR C 77 -14.70 11.47 -0.95
N ILE C 78 -14.56 11.85 0.32
CA ILE C 78 -14.58 10.94 1.48
C ILE C 78 -15.67 11.51 2.37
N SER C 79 -16.78 10.80 2.51
CA SER C 79 -17.77 11.09 3.54
C SER C 79 -17.29 10.42 4.81
N GLY C 80 -17.87 10.81 5.96
CA GLY C 80 -17.71 10.13 7.26
C GLY C 80 -16.28 9.94 7.71
N LEU C 81 -15.45 10.94 7.50
CA LEU C 81 -13.99 10.87 7.59
C LEU C 81 -13.51 10.72 9.01
N LYS C 82 -13.05 9.52 9.31
CA LYS C 82 -12.58 9.09 10.59
C LYS C 82 -11.12 9.50 10.69
N THR C 83 -10.54 9.37 11.86
CA THR C 83 -9.15 9.80 12.07
C THR C 83 -8.13 8.82 11.48
N GLU C 84 -8.56 7.65 10.99
CA GLU C 84 -7.85 6.80 10.05
C GLU C 84 -7.23 7.56 8.88
N ASP C 85 -7.97 8.50 8.27
CA ASP C 85 -7.65 9.04 6.96
C ASP C 85 -6.69 10.24 6.99
N GLU C 86 -5.94 10.44 8.07
CA GLU C 86 -4.91 11.49 8.08
C GLU C 86 -3.75 10.96 7.27
N ALA C 87 -3.66 11.40 6.01
CA ALA C 87 -2.82 10.77 5.02
C ALA C 87 -2.53 11.78 3.91
N ASP C 88 -1.54 11.45 3.08
CA ASP C 88 -1.30 12.17 1.84
C ASP C 88 -2.21 11.52 0.82
N TYR C 89 -2.61 12.29 -0.22
CA TYR C 89 -3.39 11.76 -1.33
C TYR C 89 -2.89 12.30 -2.65
N TYR C 90 -2.78 11.41 -3.65
CA TYR C 90 -2.14 11.70 -4.94
C TYR C 90 -3.02 11.24 -6.08
N CYS C 91 -3.61 12.19 -6.80
CA CYS C 91 -4.08 11.91 -8.15
C CYS C 91 -2.92 11.55 -9.07
N GLN C 92 -3.21 10.75 -10.09
CA GLN C 92 -2.26 10.43 -11.14
C GLN C 92 -3.08 10.17 -12.41
N SER C 93 -2.62 10.78 -13.51
CA SER C 93 -3.14 10.56 -14.85
C SER C 93 -1.95 10.54 -15.81
N TYR C 94 -2.22 10.58 -17.12
CA TYR C 94 -1.19 10.31 -18.12
C TYR C 94 -1.65 10.85 -19.47
N ASP C 95 -0.72 10.97 -20.40
CA ASP C 95 -1.03 11.25 -21.81
C ASP C 95 -0.06 10.44 -22.65
N SER C 96 0.20 10.86 -23.91
CA SER C 96 1.05 10.13 -24.86
C SER C 96 2.55 10.42 -24.71
N SER C 97 3.02 10.68 -23.48
CA SER C 97 4.44 10.78 -23.15
C SER C 97 4.75 10.02 -21.86
N SER C 98 4.02 10.28 -20.77
CA SER C 98 4.34 9.65 -19.48
C SER C 98 3.13 9.78 -18.56
N TRP C 99 3.33 9.51 -17.26
CA TRP C 99 2.35 9.65 -16.21
C TRP C 99 2.74 10.88 -15.41
N VAL C 100 1.75 11.66 -15.01
CA VAL C 100 1.92 12.83 -14.14
C VAL C 100 1.22 12.46 -12.84
N PHE C 101 1.98 12.45 -11.74
CA PHE C 101 1.38 12.37 -10.41
C PHE C 101 0.96 13.76 -9.94
N GLY C 102 0.06 13.77 -8.96
CA GLY C 102 -0.27 14.98 -8.25
C GLY C 102 0.76 15.31 -7.22
N GLY C 103 0.62 16.51 -6.65
CA GLY C 103 1.58 17.02 -5.69
C GLY C 103 1.43 16.58 -4.26
N GLY C 104 0.38 15.81 -3.93
CA GLY C 104 0.06 15.45 -2.57
C GLY C 104 -0.94 16.43 -1.97
N THR C 105 -2.09 15.93 -1.49
CA THR C 105 -2.96 16.65 -0.59
C THR C 105 -2.82 16.01 0.79
N LYS C 106 -2.38 16.82 1.75
CA LYS C 106 -2.15 16.40 3.12
C LYS C 106 -3.48 16.57 3.86
N LEU C 107 -4.28 15.51 3.90
CA LEU C 107 -5.54 15.56 4.63
C LEU C 107 -5.21 15.41 6.11
N THR C 108 -5.83 16.25 6.92
CA THR C 108 -5.78 16.12 8.37
C THR C 108 -7.18 16.46 8.89
N VAL C 109 -7.57 15.80 9.98
CA VAL C 109 -8.86 16.03 10.63
C VAL C 109 -8.57 16.71 11.96
N LEU C 110 -9.28 17.80 12.25
CA LEU C 110 -8.85 18.77 13.25
C LEU C 110 -9.49 18.59 14.63
N GLY C 111 -10.63 17.91 14.73
CA GLY C 111 -11.26 17.61 16.02
C GLY C 111 -10.78 16.31 16.60
N GLN C 112 -9.61 16.32 17.25
CA GLN C 112 -8.88 15.17 17.78
C GLN C 112 -8.23 15.63 19.10
N PRO C 113 -7.99 14.71 20.09
CA PRO C 113 -7.45 15.14 21.40
C PRO C 113 -6.14 15.93 21.45
N LYS C 114 -6.13 16.98 22.30
CA LYS C 114 -4.90 17.69 22.69
C LYS C 114 -4.23 16.86 23.79
N ALA C 115 -3.20 16.11 23.41
CA ALA C 115 -2.48 15.20 24.29
C ALA C 115 -1.10 15.77 24.59
N ASN C 116 -0.84 16.06 25.86
CA ASN C 116 0.51 16.36 26.31
C ASN C 116 1.35 15.08 26.35
N PRO C 117 2.71 15.17 26.07
CA PRO C 117 3.50 13.93 25.82
C PRO C 117 3.69 12.99 27.01
N THR C 118 4.35 11.86 26.76
CA THR C 118 4.86 10.94 27.76
C THR C 118 6.36 10.77 27.50
N VAL C 119 7.17 11.41 28.35
CA VAL C 119 8.59 11.64 28.12
C VAL C 119 9.36 10.59 28.90
N THR C 120 10.20 9.81 28.19
CA THR C 120 11.07 8.80 28.78
C THR C 120 12.50 9.20 28.46
N LEU C 121 13.23 9.66 29.48
CA LEU C 121 14.61 10.10 29.35
C LEU C 121 15.47 8.93 29.82
N PHE C 122 16.54 8.57 28.98
CA PHE C 122 17.48 7.49 29.28
C PHE C 122 18.89 8.03 29.56
N PRO C 123 19.60 7.52 30.59
CA PRO C 123 21.01 7.93 30.76
C PRO C 123 21.90 7.20 29.76
N PRO C 124 23.13 7.68 29.52
CA PRO C 124 24.06 6.89 28.71
C PRO C 124 24.51 5.65 29.46
N SER C 125 24.37 4.50 28.83
CA SER C 125 24.61 3.23 29.50
C SER C 125 26.10 2.96 29.66
N SER C 126 26.39 1.91 30.44
CA SER C 126 27.76 1.52 30.75
C SER C 126 28.52 1.05 29.50
N GLU C 127 27.82 0.35 28.60
CA GLU C 127 28.38 -0.13 27.33
C GLU C 127 28.78 0.98 26.34
N GLU C 128 28.34 2.22 26.56
CA GLU C 128 28.65 3.40 25.75
C GLU C 128 29.73 4.26 26.37
N LEU C 129 29.70 4.39 27.70
CA LEU C 129 30.72 5.15 28.42
C LEU C 129 32.10 4.50 28.30
N GLN C 130 32.14 3.18 28.15
CA GLN C 130 33.39 2.45 27.92
C GLN C 130 33.86 2.50 26.48
N ALA C 131 32.98 2.82 25.52
CA ALA C 131 33.41 3.34 24.21
C ALA C 131 33.83 4.81 24.22
N ASN C 132 33.83 5.48 25.39
CA ASN C 132 34.25 6.87 25.58
C ASN C 132 33.39 7.85 24.78
N LYS C 133 32.07 7.59 24.77
CA LYS C 133 31.07 8.56 24.37
C LYS C 133 29.90 8.49 25.35
N ALA C 134 29.00 9.47 25.25
CA ALA C 134 27.78 9.55 26.02
C ALA C 134 26.73 10.25 25.17
N THR C 135 25.51 9.70 25.15
CA THR C 135 24.39 10.29 24.40
C THR C 135 23.13 10.07 25.22
N LEU C 136 22.66 11.12 25.91
CA LEU C 136 21.34 11.03 26.51
C LEU C 136 20.30 11.05 25.40
N VAL C 137 19.11 10.55 25.74
CA VAL C 137 18.08 10.18 24.77
C VAL C 137 16.77 10.59 25.44
N CYS C 138 16.05 11.57 24.84
CA CYS C 138 14.76 12.06 25.33
C CYS C 138 13.67 11.62 24.35
N LEU C 139 12.69 10.87 24.86
CA LEU C 139 11.85 10.00 23.99
C LEU C 139 10.42 10.42 24.29
N ILE C 140 9.86 11.12 23.33
CA ILE C 140 8.73 12.03 23.51
C ILE C 140 7.71 11.44 22.56
N SER C 141 6.82 10.62 23.12
CA SER C 141 5.83 9.83 22.40
C SER C 141 4.43 10.27 22.79
N ASP C 142 3.47 9.94 21.93
CA ASP C 142 2.03 9.98 22.20
C ASP C 142 1.44 11.39 22.33
N PHE C 143 2.05 12.45 21.76
CA PHE C 143 1.53 13.81 21.87
C PHE C 143 0.70 14.23 20.66
N TYR C 144 -0.01 15.36 20.82
CA TYR C 144 -0.86 16.05 19.85
C TYR C 144 -1.22 17.40 20.48
N PRO C 145 -1.20 18.55 19.74
CA PRO C 145 -0.69 18.87 18.38
C PRO C 145 0.82 18.77 18.25
N GLY C 146 1.23 18.59 17.00
CA GLY C 146 2.50 18.00 16.67
C GLY C 146 3.73 18.87 16.60
N ALA C 147 3.87 19.81 17.54
CA ALA C 147 5.13 20.52 17.75
C ALA C 147 5.38 20.66 19.25
N VAL C 148 6.62 20.37 19.63
CA VAL C 148 7.15 20.50 20.99
C VAL C 148 8.41 21.35 20.86
N THR C 149 8.86 21.89 21.99
CA THR C 149 10.18 22.48 22.13
C THR C 149 10.88 21.75 23.27
N VAL C 150 12.04 21.19 22.97
CA VAL C 150 12.77 20.26 23.82
C VAL C 150 14.02 21.01 24.26
N ALA C 151 14.04 21.49 25.50
CA ALA C 151 15.18 22.15 26.11
C ALA C 151 15.83 21.21 27.12
N TRP C 152 17.11 21.46 27.37
CA TRP C 152 18.00 20.61 28.15
C TRP C 152 18.63 21.42 29.27
N LYS C 153 19.29 20.73 30.22
CA LYS C 153 19.88 21.33 31.40
C LYS C 153 21.24 20.73 31.72
N ALA C 154 22.09 21.57 32.31
CA ALA C 154 23.41 21.21 32.86
C ALA C 154 23.36 21.63 34.34
N ASP C 155 23.03 20.66 35.21
CA ASP C 155 22.44 20.89 36.54
C ASP C 155 21.29 21.89 36.40
N GLY C 156 21.43 23.15 36.86
CA GLY C 156 20.33 24.10 36.90
C GLY C 156 20.23 24.98 35.67
N SER C 157 21.43 25.25 34.94
CA SER C 157 21.70 26.11 33.78
C SER C 157 21.48 25.32 32.49
N PRO C 158 21.20 25.94 31.34
CA PRO C 158 20.83 25.16 30.14
C PRO C 158 22.04 24.59 29.40
N VAL C 159 21.76 23.92 28.26
CA VAL C 159 22.75 23.37 27.35
C VAL C 159 22.39 23.90 25.96
N LYS C 160 23.30 24.66 25.35
CA LYS C 160 23.05 25.39 24.11
C LYS C 160 23.69 24.75 22.86
N ALA C 161 24.48 23.68 23.01
CA ALA C 161 24.92 22.89 21.86
C ALA C 161 25.24 21.48 22.35
N GLY C 162 25.43 20.57 21.38
CA GLY C 162 25.34 19.15 21.63
C GLY C 162 23.95 18.53 21.47
N VAL C 163 22.92 19.34 21.27
CA VAL C 163 21.54 18.88 21.11
C VAL C 163 21.36 18.52 19.64
N GLU C 164 20.78 17.34 19.40
CA GLU C 164 20.36 16.89 18.06
C GLU C 164 18.91 16.41 18.20
N THR C 165 17.98 17.38 18.13
CA THR C 165 16.55 17.09 18.17
C THR C 165 16.07 16.69 16.78
N THR C 166 15.12 15.74 16.75
CA THR C 166 14.38 15.42 15.53
C THR C 166 13.33 16.49 15.28
N LYS C 167 12.53 16.29 14.23
CA LYS C 167 11.41 17.10 13.80
C LYS C 167 10.24 16.12 13.91
N PRO C 168 9.05 16.48 14.44
CA PRO C 168 8.07 15.42 14.78
C PRO C 168 7.45 14.73 13.57
N SER C 169 7.50 13.40 13.61
CA SER C 169 6.75 12.52 12.73
C SER C 169 5.41 12.18 13.37
N LYS C 170 4.48 11.78 12.54
CA LYS C 170 3.21 11.23 12.99
C LYS C 170 3.33 9.75 13.28
N GLN C 171 2.83 9.34 14.45
CA GLN C 171 2.70 7.93 14.78
C GLN C 171 1.52 7.33 14.02
N SER C 172 1.56 6.00 13.86
CA SER C 172 0.49 5.28 13.19
C SER C 172 -0.70 4.94 14.10
N ASN C 173 -0.62 5.23 15.42
CA ASN C 173 -1.86 5.48 16.19
C ASN C 173 -2.42 6.93 16.04
N ASN C 174 -1.87 7.72 15.10
CA ASN C 174 -2.29 9.03 14.62
C ASN C 174 -1.96 10.18 15.58
N LYS C 175 -1.27 9.91 16.70
CA LYS C 175 -0.61 10.93 17.52
C LYS C 175 0.80 11.14 16.95
N TYR C 176 1.79 11.58 17.75
CA TYR C 176 3.07 12.08 17.28
C TYR C 176 4.22 11.49 18.11
N ALA C 177 5.43 11.64 17.56
CA ALA C 177 6.66 11.13 18.11
C ALA C 177 7.77 12.07 17.70
N ALA C 178 8.67 12.34 18.63
CA ALA C 178 9.94 12.98 18.34
C ALA C 178 10.92 12.44 19.36
N SER C 179 12.19 12.35 18.96
CA SER C 179 13.30 12.08 19.86
C SER C 179 14.25 13.27 19.86
N SER C 180 15.02 13.37 20.94
CA SER C 180 16.07 14.37 21.04
C SER C 180 17.25 13.79 21.79
N TYR C 181 18.43 14.12 21.28
CA TYR C 181 19.67 13.46 21.60
C TYR C 181 20.63 14.52 22.10
N LEU C 182 21.45 14.15 23.06
CA LEU C 182 22.39 15.06 23.73
C LEU C 182 23.72 14.32 23.81
N SER C 183 24.47 14.35 22.72
CA SER C 183 25.79 13.74 22.66
C SER C 183 26.75 14.49 23.57
N LEU C 184 27.69 13.74 24.17
CA LEU C 184 28.58 14.26 25.20
C LEU C 184 29.90 13.46 25.15
N THR C 185 30.87 13.78 26.07
CA THR C 185 31.93 13.04 26.67
C THR C 185 31.43 12.27 27.89
N PRO C 186 32.14 11.22 28.34
CA PRO C 186 31.79 10.62 29.64
C PRO C 186 32.14 11.43 30.88
N GLU C 187 33.06 12.40 30.82
CA GLU C 187 33.33 13.19 32.01
C GLU C 187 32.19 14.15 32.27
N GLN C 188 31.64 14.77 31.20
CA GLN C 188 30.58 15.77 31.33
C GLN C 188 29.31 15.17 31.92
N TRP C 189 29.03 13.91 31.60
CA TRP C 189 27.93 13.20 32.24
C TRP C 189 28.19 12.99 33.72
N LYS C 190 29.44 12.63 34.07
CA LYS C 190 29.78 12.30 35.45
C LYS C 190 30.02 13.51 36.35
N SER C 191 30.20 14.73 35.81
CA SER C 191 30.52 15.93 36.57
C SER C 191 29.33 16.89 36.76
N HIS C 192 28.10 16.43 36.51
CA HIS C 192 26.89 17.08 37.01
C HIS C 192 26.03 16.04 37.69
N ARG C 193 25.29 16.45 38.72
CA ARG C 193 24.41 15.52 39.43
C ARG C 193 23.12 15.22 38.68
N SER C 194 22.71 16.05 37.72
CA SER C 194 21.35 16.00 37.19
C SER C 194 21.32 16.65 35.83
N TYR C 195 21.09 15.85 34.78
CA TYR C 195 20.82 16.35 33.43
C TYR C 195 19.35 16.12 33.12
N SER C 196 18.62 17.22 32.87
CA SER C 196 17.17 17.23 32.72
C SER C 196 16.81 17.47 31.26
N CYS C 197 15.70 16.85 30.82
CA CYS C 197 15.09 17.08 29.51
C CYS C 197 13.74 17.77 29.73
N GLN C 198 13.65 19.06 29.35
CA GLN C 198 12.44 19.86 29.50
C GLN C 198 11.71 19.93 28.15
N VAL C 199 10.45 19.47 28.13
CA VAL C 199 9.68 19.21 26.91
C VAL C 199 8.42 20.07 27.00
N THR C 200 8.43 21.26 26.37
CA THR C 200 7.35 22.24 26.55
C THR C 200 6.39 22.15 25.36
N HIS C 201 5.19 21.60 25.63
CA HIS C 201 4.12 21.36 24.67
C HIS C 201 2.88 22.09 25.16
N GLU C 202 2.49 23.17 24.47
CA GLU C 202 1.31 23.97 24.79
C GLU C 202 1.40 24.58 26.19
N GLY C 203 2.59 25.09 26.54
CA GLY C 203 2.81 25.67 27.85
C GLY C 203 2.87 24.71 29.02
N SER C 204 2.86 23.39 28.76
CA SER C 204 2.85 22.33 29.77
C SER C 204 4.17 21.58 29.65
N THR C 205 5.20 22.10 30.33
CA THR C 205 6.48 21.42 30.37
C THR C 205 6.32 20.14 31.17
N VAL C 206 6.64 19.02 30.54
CA VAL C 206 6.82 17.72 31.21
C VAL C 206 8.32 17.48 31.17
N GLU C 207 8.93 17.54 32.34
CA GLU C 207 10.36 17.46 32.54
C GLU C 207 10.73 16.09 33.08
N LYS C 208 11.94 15.64 32.73
CA LYS C 208 12.50 14.40 33.26
C LYS C 208 13.99 14.56 33.46
N THR C 209 14.53 13.84 34.46
CA THR C 209 15.82 14.06 35.09
C THR C 209 16.44 12.71 35.48
N VAL C 210 17.80 12.63 35.40
CA VAL C 210 18.57 11.41 35.78
C VAL C 210 19.72 11.80 36.74
N ALA C 211 20.69 10.90 36.99
CA ALA C 211 21.83 11.10 37.86
C ALA C 211 22.93 10.10 37.50
N PRO C 212 24.21 10.39 37.84
CA PRO C 212 25.25 9.35 37.71
C PRO C 212 25.28 8.36 38.87
N THR C 213 26.06 7.30 38.67
CA THR C 213 26.30 6.24 39.68
C THR C 213 27.52 6.57 40.54
#